data_8EJD
#
_entry.id   8EJD
#
loop_
_entity.id
_entity.type
_entity.pdbx_description
1 polymer 'Glycoprotein G1'
2 polymer 'Glycoprotein G2'
3 branched beta-D-mannopyranose-(1-4)-2-acetamido-2-deoxy-beta-D-glucopyranose-(1-4)-2-acetamido-2-deoxy-beta-D-glucopyranose
4 branched 2-acetamido-2-deoxy-beta-D-glucopyranose-(1-4)-2-acetamido-2-deoxy-beta-D-glucopyranose
5 branched 2-acetamido-2-deoxy-beta-D-glucopyranose-(1-4)-[alpha-L-fucopyranose-(1-6)]2-acetamido-2-deoxy-beta-D-glucopyranose
6 branched alpha-D-mannopyranose-(1-3)-[alpha-D-mannopyranose-(1-6)]beta-D-mannopyranose-(1-4)-2-acetamido-2-deoxy-beta-D-glucopyranose-(1-4)-2-acetamido-2-deoxy-beta-D-glucopyranose
7 branched alpha-D-mannopyranose-(1-6)-alpha-D-mannopyranose-(1-6)-beta-D-mannopyranose-(1-4)-2-acetamido-2-deoxy-beta-D-glucopyranose-(1-4)-2-acetamido-2-deoxy-beta-D-glucopyranose
8 non-polymer 2-acetamido-2-deoxy-beta-D-glucopyranose
#
loop_
_entity_poly.entity_id
_entity_poly.type
_entity_poly.pdbx_seq_one_letter_code
_entity_poly.pdbx_strand_id
1 'polypeptide(L)'
;MGQIVTFFQEVPHVIEEVMNIVLIALSVLAVLKGLYNFATCGLVGLVTFLLLCGRSCTTSLYKGVYELQTLELNMETLNM
TMPLSCTKNNSHHYIMVGNETGLELTLTNTSIINHKFCNLSDAHKKNLYDHALMSIISTFHLSIPNFNQYEAMSCDFNGG
KISVQYNLSHSYAGDAANHCGTVANGVLQTFMRMAWGGSYIALDSGCGNWDCIMTSYQYLIIQNTTWEDHCQFSRPSPIG
YLGLLSQRTRDIYISRRRR
;
C,A,B
2 'polypeptide(L)'
;GTFTWTLSDSEGKDTPGGYCLTRWMLIEAELKCFGNTAVAKCNEKHDEEFCDMLRLFDFNKQAIQRLKAPAQMSIQLINK
AVNALINDQLIMKNHLRDIMCIPYCNYSKYWYLNHTTTGRTSLPKCWLVSNGSYLNETHFSDDIEQQADNMITEMLQKEY
MERQGGSGGSGGSGGSGGSEKAAKAEEAARKMEELFKKHKIVAVLRANSVEEAIEKAVAVFAGGVHLIEITFTVPDADTV
IKALSVLKEKGAIIGAGTVTSVEQCRKAVESGAEFIVSPHLDEEISQFCKEKGVFYMPGVMTPTELVKAMKLGHDILKLF
PGEVVGPEFVKAMKGPFPNVKFVPTGGVDLDNVCEWFDAGVLAVGVGDALVEGDPDEVREKAKEFVEKIRGCTEGSLEWS
HPQFEK
;
c,a,b
#
# COMPACT_ATOMS: atom_id res chain seq x y z
N THR A 59 -34.20 -9.83 21.72
CA THR A 59 -33.05 -9.22 22.37
C THR A 59 -33.36 -7.78 22.80
N SER A 60 -32.29 -7.03 23.16
CA SER A 60 -32.32 -5.66 23.64
C SER A 60 -32.77 -4.64 22.61
N LEU A 61 -33.53 -3.68 23.11
CA LEU A 61 -34.07 -2.57 22.37
C LEU A 61 -33.27 -1.32 22.69
N TYR A 62 -32.68 -0.73 21.68
CA TYR A 62 -31.85 0.43 21.89
C TYR A 62 -32.60 1.70 21.61
N LYS A 63 -32.50 2.64 22.54
CA LYS A 63 -33.14 3.95 22.48
C LYS A 63 -34.65 3.86 22.41
N GLY A 64 -35.18 2.69 22.66
CA GLY A 64 -36.59 2.46 22.62
C GLY A 64 -37.10 2.18 21.21
N VAL A 65 -36.23 2.26 20.17
CA VAL A 65 -36.70 2.03 18.80
C VAL A 65 -35.91 1.04 17.95
N TYR A 66 -34.72 0.58 18.38
CA TYR A 66 -33.98 -0.31 17.50
C TYR A 66 -33.78 -1.69 18.08
N GLU A 67 -34.02 -2.69 17.28
CA GLU A 67 -33.79 -4.03 17.73
C GLU A 67 -32.41 -4.42 17.29
N LEU A 68 -31.64 -4.97 18.19
CA LEU A 68 -30.34 -5.41 17.75
C LEU A 68 -30.49 -6.67 16.96
N GLN A 69 -29.89 -6.73 15.79
CA GLN A 69 -29.97 -7.93 14.99
C GLN A 69 -28.59 -8.35 14.52
N THR A 70 -28.43 -9.65 14.29
CA THR A 70 -27.15 -10.14 13.81
C THR A 70 -27.21 -10.75 12.44
N LEU A 71 -26.03 -10.85 11.85
CA LEU A 71 -25.81 -11.37 10.52
C LEU A 71 -24.61 -12.28 10.52
N GLU A 72 -24.70 -13.44 9.88
CA GLU A 72 -23.53 -14.31 9.78
C GLU A 72 -23.29 -14.62 8.32
N LEU A 73 -22.07 -14.36 7.85
CA LEU A 73 -21.78 -14.54 6.44
C LEU A 73 -21.28 -15.93 6.11
N ASN A 74 -21.71 -16.44 4.97
CA ASN A 74 -21.30 -17.75 4.52
C ASN A 74 -20.10 -17.68 3.57
N MET A 75 -18.92 -17.90 4.08
CA MET A 75 -17.74 -17.73 3.26
C MET A 75 -17.44 -18.99 2.48
N GLU A 76 -18.28 -19.99 2.64
CA GLU A 76 -18.10 -21.26 2.01
C GLU A 76 -18.45 -21.18 0.55
N THR A 77 -19.07 -20.08 0.11
CA THR A 77 -19.45 -19.97 -1.29
C THR A 77 -18.42 -19.19 -2.08
N LEU A 78 -17.31 -18.85 -1.45
CA LEU A 78 -16.21 -18.14 -2.13
C LEU A 78 -15.11 -19.08 -2.74
N ASN A 79 -15.27 -20.42 -2.61
CA ASN A 79 -14.38 -21.54 -2.96
C ASN A 79 -13.86 -21.51 -4.40
N MET A 80 -14.66 -21.02 -5.38
CA MET A 80 -14.27 -20.96 -6.79
C MET A 80 -13.25 -19.90 -7.11
N THR A 81 -13.14 -18.85 -6.30
CA THR A 81 -12.23 -17.78 -6.64
C THR A 81 -11.10 -17.57 -5.64
N MET A 82 -11.26 -18.04 -4.41
CA MET A 82 -10.21 -17.81 -3.42
C MET A 82 -10.14 -19.01 -2.48
N PRO A 83 -8.97 -19.36 -1.95
CA PRO A 83 -8.78 -20.45 -1.02
C PRO A 83 -9.42 -20.15 0.31
N LEU A 84 -9.89 -21.18 0.99
CA LEU A 84 -10.47 -21.01 2.31
C LEU A 84 -9.71 -21.81 3.35
N SER A 85 -9.30 -21.15 4.43
CA SER A 85 -8.57 -21.81 5.51
C SER A 85 -9.53 -22.19 6.64
N CYS A 86 -9.28 -23.33 7.32
CA CYS A 86 -10.06 -23.81 8.47
C CYS A 86 -9.22 -24.68 9.38
N THR A 87 -9.76 -25.01 10.54
CA THR A 87 -9.09 -25.92 11.46
C THR A 87 -9.87 -27.19 11.56
N LYS A 88 -9.33 -28.11 12.35
CA LYS A 88 -9.98 -29.38 12.59
C LYS A 88 -9.76 -29.86 14.03
N ASN A 89 -8.48 -30.04 14.47
CA ASN A 89 -8.18 -30.51 15.83
C ASN A 89 -6.76 -30.12 16.31
N ASN A 90 -6.28 -28.90 15.97
CA ASN A 90 -4.95 -28.34 16.29
C ASN A 90 -3.84 -29.00 15.50
N SER A 91 -3.77 -30.31 15.62
CA SER A 91 -2.76 -31.10 14.93
C SER A 91 -2.95 -31.05 13.43
N HIS A 92 -4.15 -30.68 13.00
CA HIS A 92 -4.46 -30.57 11.60
C HIS A 92 -5.26 -29.32 11.31
N HIS A 93 -4.84 -28.67 10.23
CA HIS A 93 -5.48 -27.51 9.62
C HIS A 93 -5.56 -27.68 8.12
N TYR A 94 -6.50 -27.03 7.48
CA TYR A 94 -6.63 -27.18 6.03
C TYR A 94 -6.78 -25.93 5.22
N ILE A 95 -6.28 -25.98 4.00
CA ILE A 95 -6.50 -24.91 3.01
C ILE A 95 -7.16 -25.51 1.80
N MET A 96 -8.40 -25.17 1.54
CA MET A 96 -9.08 -25.78 0.41
C MET A 96 -9.26 -24.86 -0.78
N VAL A 97 -9.08 -25.42 -1.97
CA VAL A 97 -9.30 -24.71 -3.22
C VAL A 97 -10.39 -25.35 -4.07
N GLY A 98 -11.34 -24.52 -4.46
CA GLY A 98 -12.43 -24.99 -5.25
C GLY A 98 -13.09 -26.00 -4.36
N ASN A 99 -13.62 -27.05 -4.95
CA ASN A 99 -14.26 -28.19 -4.30
C ASN A 99 -13.51 -29.50 -4.59
N GLU A 100 -12.23 -29.43 -5.11
CA GLU A 100 -11.42 -30.59 -5.52
C GLU A 100 -10.20 -30.90 -4.70
N THR A 101 -9.48 -29.90 -4.21
CA THR A 101 -8.24 -30.24 -3.52
C THR A 101 -7.79 -29.21 -2.52
N GLY A 102 -6.62 -29.45 -1.96
CA GLY A 102 -6.07 -28.51 -1.03
C GLY A 102 -4.94 -29.06 -0.20
N LEU A 103 -4.47 -28.24 0.71
CA LEU A 103 -3.36 -28.64 1.54
C LEU A 103 -3.78 -29.01 2.94
N GLU A 104 -3.10 -29.99 3.46
CA GLU A 104 -3.24 -30.44 4.81
C GLU A 104 -2.00 -30.01 5.57
N LEU A 105 -2.19 -29.17 6.57
CA LEU A 105 -1.10 -28.61 7.34
C LEU A 105 -1.07 -29.33 8.66
N THR A 106 0.01 -30.01 8.99
CA THR A 106 -0.08 -30.71 10.25
C THR A 106 1.11 -30.44 11.16
N LEU A 107 0.86 -30.59 12.46
CA LEU A 107 1.92 -30.46 13.44
C LEU A 107 2.07 -31.82 14.04
N THR A 108 3.10 -32.54 13.62
CA THR A 108 3.22 -33.92 14.07
C THR A 108 4.66 -34.37 14.32
N ASN A 109 4.87 -35.35 15.25
CA ASN A 109 6.17 -35.97 15.50
C ASN A 109 6.33 -37.19 14.59
N THR A 110 6.43 -36.95 13.25
CA THR A 110 6.49 -37.99 12.20
C THR A 110 7.76 -38.15 11.38
N SER A 111 8.59 -37.13 11.30
CA SER A 111 9.84 -37.22 10.55
C SER A 111 9.68 -37.86 9.16
N ILE A 112 8.77 -37.34 8.34
CA ILE A 112 8.50 -38.00 7.05
C ILE A 112 9.57 -37.82 5.96
N ILE A 113 10.23 -36.67 5.91
CA ILE A 113 11.27 -36.49 4.91
C ILE A 113 12.60 -36.61 5.59
N ASN A 114 13.45 -37.49 5.06
CA ASN A 114 14.72 -37.82 5.70
C ASN A 114 15.97 -37.44 4.93
N HIS A 115 15.89 -36.32 4.26
CA HIS A 115 17.01 -35.72 3.55
C HIS A 115 16.91 -34.23 3.77
N LYS A 116 18.04 -33.52 3.62
CA LYS A 116 18.07 -32.08 3.89
C LYS A 116 18.21 -31.17 2.69
N PHE A 117 17.28 -31.27 1.78
CA PHE A 117 17.21 -30.42 0.60
C PHE A 117 15.80 -30.43 0.01
N CYS A 118 15.48 -29.40 -0.82
CA CYS A 118 14.20 -29.24 -1.50
C CYS A 118 14.43 -29.05 -3.00
N ASN A 119 14.04 -30.05 -3.81
CA ASN A 119 14.33 -30.04 -5.24
C ASN A 119 13.30 -29.22 -6.03
N LEU A 120 13.32 -27.89 -5.82
CA LEU A 120 12.38 -26.94 -6.45
C LEU A 120 12.64 -26.71 -7.92
N SER A 121 13.89 -26.59 -8.30
CA SER A 121 14.17 -26.31 -9.69
C SER A 121 13.84 -27.52 -10.53
N ASP A 122 13.99 -28.68 -9.92
CA ASP A 122 13.73 -29.91 -10.60
C ASP A 122 12.23 -30.05 -10.78
N ALA A 123 11.47 -29.69 -9.74
CA ALA A 123 10.01 -29.71 -9.80
C ALA A 123 9.49 -28.72 -10.82
N HIS A 124 10.17 -27.60 -10.97
CA HIS A 124 9.70 -26.62 -11.93
C HIS A 124 9.94 -27.14 -13.34
N LYS A 125 11.04 -27.85 -13.57
CA LYS A 125 11.21 -28.40 -14.90
C LYS A 125 10.21 -29.53 -15.14
N LYS A 126 10.05 -30.41 -14.16
CA LYS A 126 9.07 -31.47 -14.30
C LYS A 126 7.76 -30.98 -13.75
N ASN A 127 7.14 -30.11 -14.51
CA ASN A 127 5.98 -29.50 -13.95
C ASN A 127 4.75 -30.36 -14.08
N LEU A 128 4.54 -31.13 -13.04
CA LEU A 128 3.42 -32.04 -12.90
C LEU A 128 2.59 -31.59 -11.72
N TYR A 129 2.64 -30.32 -11.37
CA TYR A 129 1.94 -29.87 -10.18
C TYR A 129 0.89 -28.81 -10.41
N ASP A 130 -0.04 -28.72 -9.48
CA ASP A 130 -1.06 -27.69 -9.54
C ASP A 130 -0.44 -26.38 -9.15
N HIS A 131 -0.47 -25.43 -10.06
CA HIS A 131 0.17 -24.16 -9.82
C HIS A 131 -0.47 -23.49 -8.63
N ALA A 132 -1.78 -23.68 -8.42
CA ALA A 132 -2.42 -23.05 -7.29
C ALA A 132 -1.81 -23.51 -5.99
N LEU A 133 -1.42 -24.78 -5.89
CA LEU A 133 -0.94 -25.24 -4.61
C LEU A 133 0.46 -24.73 -4.42
N MET A 134 1.23 -24.69 -5.51
CA MET A 134 2.59 -24.22 -5.36
C MET A 134 2.61 -22.76 -4.98
N SER A 135 1.66 -22.00 -5.52
CA SER A 135 1.55 -20.59 -5.23
C SER A 135 1.22 -20.35 -3.77
N ILE A 136 0.29 -21.14 -3.23
CA ILE A 136 -0.08 -21.01 -1.83
C ILE A 136 1.11 -21.33 -0.93
N ILE A 137 1.84 -22.38 -1.26
CA ILE A 137 3.00 -22.78 -0.49
C ILE A 137 4.06 -21.72 -0.56
N SER A 138 4.29 -21.17 -1.72
CA SER A 138 5.26 -20.13 -1.83
C SER A 138 4.88 -18.96 -0.98
N THR A 139 3.60 -18.58 -1.01
CA THR A 139 3.15 -17.47 -0.20
C THR A 139 3.47 -17.77 1.25
N PHE A 140 3.20 -19.00 1.69
CA PHE A 140 3.54 -19.37 3.05
C PHE A 140 5.04 -19.24 3.31
N HIS A 141 5.86 -19.84 2.47
CA HIS A 141 7.29 -19.89 2.69
C HIS A 141 7.96 -18.55 2.74
N LEU A 142 7.60 -17.70 1.81
CA LEU A 142 8.23 -16.42 1.65
C LEU A 142 7.78 -15.46 2.74
N SER A 143 6.79 -15.86 3.54
CA SER A 143 6.26 -15.03 4.58
C SER A 143 6.89 -15.40 5.92
N ILE A 144 7.78 -16.39 5.95
CA ILE A 144 8.42 -16.76 7.19
C ILE A 144 9.48 -15.71 7.44
N PRO A 145 9.44 -14.94 8.52
CA PRO A 145 10.39 -13.89 8.76
C PRO A 145 11.72 -14.48 9.07
N ASN A 146 12.77 -13.84 8.59
CA ASN A 146 14.12 -14.22 8.93
C ASN A 146 14.41 -15.71 8.78
N PHE A 147 13.97 -16.30 7.68
CA PHE A 147 14.22 -17.71 7.57
C PHE A 147 15.62 -17.96 7.06
N ASN A 148 16.51 -18.23 8.02
CA ASN A 148 17.92 -18.47 7.72
C ASN A 148 18.27 -19.95 7.65
N GLN A 149 17.50 -20.79 8.33
CA GLN A 149 17.88 -22.19 8.42
C GLN A 149 17.36 -23.01 7.26
N TYR A 150 18.04 -22.90 6.15
CA TYR A 150 17.57 -23.54 4.93
C TYR A 150 17.64 -25.04 4.96
N GLU A 151 18.53 -25.60 5.76
CA GLU A 151 18.64 -27.04 5.88
C GLU A 151 17.41 -27.62 6.61
N ALA A 152 16.58 -26.75 7.20
CA ALA A 152 15.39 -27.17 7.90
C ALA A 152 14.25 -27.40 6.93
N MET A 153 14.41 -26.99 5.66
CA MET A 153 13.32 -27.19 4.72
C MET A 153 13.68 -28.28 3.75
N SER A 154 12.91 -29.35 3.78
CA SER A 154 13.20 -30.44 2.89
C SER A 154 11.97 -30.75 2.05
N CYS A 155 12.14 -31.22 0.79
CA CYS A 155 11.01 -31.55 -0.09
C CYS A 155 11.25 -32.80 -0.91
N ASP A 156 10.16 -33.45 -1.27
CA ASP A 156 10.22 -34.59 -2.17
C ASP A 156 9.03 -34.57 -3.11
N PHE A 157 9.13 -33.76 -4.14
CA PHE A 157 7.99 -33.54 -5.01
C PHE A 157 7.67 -34.80 -5.80
N ASN A 158 8.70 -35.54 -6.20
CA ASN A 158 8.48 -36.76 -6.95
C ASN A 158 7.51 -36.53 -8.09
N GLY A 159 7.71 -35.49 -8.87
CA GLY A 159 6.74 -35.18 -9.88
C GLY A 159 5.70 -34.24 -9.28
N GLY A 160 4.46 -34.71 -9.15
CA GLY A 160 3.34 -33.85 -8.81
C GLY A 160 2.94 -33.71 -7.33
N LYS A 161 3.71 -34.22 -6.38
CA LYS A 161 3.31 -34.15 -4.98
C LYS A 161 3.77 -32.85 -4.38
N ILE A 162 3.19 -32.46 -3.26
CA ILE A 162 3.74 -31.32 -2.56
C ILE A 162 4.89 -31.70 -1.65
N SER A 163 4.68 -32.64 -0.74
CA SER A 163 5.77 -33.12 0.10
C SER A 163 6.68 -32.08 0.77
N VAL A 164 6.17 -31.14 1.56
CA VAL A 164 7.07 -30.14 2.16
C VAL A 164 7.19 -30.26 3.68
N GLN A 165 8.42 -30.38 4.16
CA GLN A 165 8.67 -30.49 5.59
C GLN A 165 9.53 -29.41 6.19
N TYR A 166 9.02 -28.77 7.24
CA TYR A 166 9.81 -27.79 7.97
C TYR A 166 10.22 -28.36 9.34
N ASN A 167 11.54 -28.57 9.53
CA ASN A 167 12.11 -29.18 10.73
C ASN A 167 12.33 -28.12 11.82
N LEU A 168 11.48 -28.18 12.88
CA LEU A 168 11.47 -27.29 14.02
C LEU A 168 11.80 -28.16 15.21
N SER A 169 12.56 -29.21 15.00
CA SER A 169 12.81 -30.16 16.06
C SER A 169 13.31 -29.52 17.32
N HIS A 170 12.72 -29.94 18.45
CA HIS A 170 13.01 -29.45 19.79
C HIS A 170 12.74 -27.94 19.91
N SER A 171 12.02 -27.42 18.91
CA SER A 171 11.60 -26.05 18.71
C SER A 171 12.75 -25.03 18.56
N TYR A 172 13.85 -25.48 17.93
CA TYR A 172 14.98 -24.62 17.59
C TYR A 172 15.72 -25.28 16.44
N ALA A 173 15.40 -26.54 16.21
CA ALA A 173 15.92 -27.38 15.14
C ALA A 173 17.44 -27.43 15.12
N GLY A 174 18.03 -27.53 16.30
CA GLY A 174 19.47 -27.64 16.42
C GLY A 174 20.17 -26.29 16.50
N ASP A 175 19.43 -25.20 16.29
CA ASP A 175 20.05 -23.89 16.34
C ASP A 175 20.12 -23.39 17.78
N ALA A 176 21.30 -23.44 18.37
CA ALA A 176 21.48 -23.05 19.77
C ALA A 176 20.62 -23.88 20.74
N ALA A 177 19.55 -23.28 21.25
CA ALA A 177 18.68 -23.88 22.25
C ALA A 177 17.29 -23.28 22.10
N ASN A 178 16.32 -23.79 22.85
CA ASN A 178 14.94 -23.35 22.68
C ASN A 178 14.66 -22.00 23.34
N HIS A 179 15.22 -20.97 22.71
CA HIS A 179 15.15 -19.58 23.09
C HIS A 179 14.07 -18.90 22.26
N CYS A 180 13.53 -17.75 22.75
CA CYS A 180 12.54 -16.94 22.06
C CYS A 180 13.18 -16.21 20.87
N GLY A 181 12.40 -16.00 19.82
CA GLY A 181 12.88 -15.33 18.61
C GLY A 181 13.70 -16.23 17.65
N THR A 182 13.51 -17.55 17.72
CA THR A 182 14.24 -18.52 16.89
C THR A 182 13.45 -19.02 15.67
N VAL A 183 13.99 -20.04 14.99
CA VAL A 183 13.39 -20.55 13.76
C VAL A 183 11.98 -21.08 13.97
N ALA A 184 11.73 -21.69 15.13
CA ALA A 184 10.42 -22.20 15.42
C ALA A 184 9.45 -21.07 15.52
N ASN A 185 9.89 -19.95 16.03
CA ASN A 185 9.01 -18.83 16.16
C ASN A 185 8.70 -18.29 14.80
N GLY A 186 9.70 -18.23 13.93
CA GLY A 186 9.47 -17.69 12.60
C GLY A 186 8.46 -18.51 11.84
N VAL A 187 8.67 -19.82 11.81
CA VAL A 187 7.78 -20.67 11.06
C VAL A 187 6.40 -20.70 11.68
N LEU A 188 6.33 -20.78 13.01
CA LEU A 188 5.04 -20.81 13.64
C LEU A 188 4.28 -19.52 13.45
N GLN A 189 4.92 -18.35 13.45
CA GLN A 189 4.08 -17.19 13.25
C GLN A 189 3.39 -17.26 11.90
N THR A 190 4.08 -17.71 10.85
CA THR A 190 3.40 -17.77 9.56
C THR A 190 2.28 -18.78 9.62
N PHE A 191 2.53 -19.93 10.26
CA PHE A 191 1.53 -20.98 10.40
C PHE A 191 0.29 -20.45 11.09
N MET A 192 0.49 -19.73 12.19
CA MET A 192 -0.61 -19.22 12.97
C MET A 192 -1.47 -18.28 12.15
N ARG A 193 -0.86 -17.53 11.23
CA ARG A 193 -1.60 -16.61 10.37
C ARG A 193 -2.31 -17.36 9.24
N MET A 194 -1.66 -18.35 8.65
CA MET A 194 -2.27 -19.08 7.55
C MET A 194 -3.52 -19.80 8.03
N ALA A 195 -3.47 -20.27 9.28
CA ALA A 195 -4.65 -20.95 9.88
C ALA A 195 -5.25 -20.03 10.95
N TRP A 196 -5.36 -18.73 10.66
CA TRP A 196 -5.84 -17.77 11.69
C TRP A 196 -7.25 -18.17 12.14
N GLY A 197 -8.10 -18.58 11.20
CA GLY A 197 -9.46 -19.04 11.55
C GLY A 197 -9.04 -20.23 12.42
N GLY A 198 -9.24 -20.13 13.74
CA GLY A 198 -8.93 -21.25 14.64
C GLY A 198 -7.56 -21.66 15.22
N SER A 199 -6.43 -21.18 14.66
CA SER A 199 -5.09 -21.56 15.13
C SER A 199 -4.74 -21.21 16.55
N TYR A 200 -5.50 -20.33 17.19
CA TYR A 200 -5.22 -19.92 18.56
C TYR A 200 -5.16 -21.12 19.50
N ILE A 201 -5.80 -22.24 19.14
CA ILE A 201 -5.84 -23.42 20.04
C ILE A 201 -4.43 -24.00 20.17
N ALA A 202 -3.54 -23.69 19.23
CA ALA A 202 -2.18 -24.18 19.23
C ALA A 202 -1.33 -23.62 20.36
N LEU A 203 -1.62 -22.42 20.86
CA LEU A 203 -0.74 -21.83 21.85
C LEU A 203 -1.41 -21.52 23.18
N ASP A 204 -0.77 -21.90 24.28
CA ASP A 204 -1.35 -21.60 25.58
C ASP A 204 -0.91 -20.25 26.15
N SER A 205 0.32 -19.83 25.86
CA SER A 205 0.90 -18.61 26.42
C SER A 205 1.37 -17.54 25.43
N GLY A 206 1.38 -17.87 24.14
CA GLY A 206 1.96 -17.00 23.09
C GLY A 206 1.43 -15.56 22.99
N CYS A 207 0.15 -15.32 23.36
CA CYS A 207 -0.50 -14.01 23.32
C CYS A 207 0.28 -13.01 24.20
N GLY A 208 0.83 -13.44 25.33
CA GLY A 208 1.52 -12.50 26.21
C GLY A 208 2.92 -12.10 25.73
N ASN A 209 3.48 -12.83 24.75
CA ASN A 209 4.81 -12.55 24.21
C ASN A 209 4.94 -13.22 22.85
N TRP A 210 4.75 -12.44 21.81
CA TRP A 210 4.70 -12.94 20.45
C TRP A 210 5.99 -13.62 19.98
N ASP A 211 7.13 -13.27 20.58
CA ASP A 211 8.40 -13.90 20.17
C ASP A 211 8.68 -15.28 20.81
N CYS A 212 7.82 -15.72 21.77
CA CYS A 212 7.97 -16.93 22.55
C CYS A 212 6.92 -17.93 22.11
N ILE A 213 6.47 -17.81 20.88
CA ILE A 213 5.57 -18.79 20.38
C ILE A 213 6.41 -19.98 20.15
N MET A 214 6.02 -21.06 20.79
CA MET A 214 6.67 -22.32 20.73
C MET A 214 5.60 -23.37 20.81
N THR A 215 5.83 -24.47 20.17
CA THR A 215 4.96 -25.63 20.27
C THR A 215 5.85 -26.79 20.59
N SER A 216 5.24 -27.89 20.98
CA SER A 216 6.03 -29.07 21.25
C SER A 216 6.31 -29.90 20.00
N TYR A 217 5.52 -29.75 18.95
CA TYR A 217 5.72 -30.60 17.79
C TYR A 217 7.01 -30.32 17.03
N GLN A 218 7.64 -31.40 16.63
CA GLN A 218 8.88 -31.34 15.86
C GLN A 218 8.76 -30.86 14.42
N TYR A 219 7.69 -31.21 13.72
CA TYR A 219 7.64 -30.82 12.33
C TYR A 219 6.36 -30.20 11.87
N LEU A 220 6.50 -29.24 10.98
CA LEU A 220 5.36 -28.71 10.27
C LEU A 220 5.34 -29.34 8.91
N ILE A 221 4.28 -30.07 8.66
CA ILE A 221 4.19 -30.80 7.42
C ILE A 221 3.13 -30.29 6.50
N ILE A 222 3.50 -30.01 5.28
CA ILE A 222 2.54 -29.58 4.30
C ILE A 222 2.43 -30.61 3.20
N GLN A 223 1.26 -31.17 3.05
CA GLN A 223 1.01 -32.16 2.02
C GLN A 223 -0.27 -31.84 1.30
N ASN A 224 -0.40 -32.25 0.01
CA ASN A 224 -1.65 -32.08 -0.73
C ASN A 224 -2.56 -33.27 -0.45
N THR A 225 -3.86 -32.99 -0.39
CA THR A 225 -4.94 -33.93 -0.19
C THR A 225 -6.06 -33.63 -1.11
N THR A 226 -7.12 -34.40 -0.99
CA THR A 226 -8.27 -34.18 -1.82
C THR A 226 -9.28 -33.37 -1.04
N TRP A 227 -10.25 -32.78 -1.71
CA TRP A 227 -11.25 -32.09 -0.95
C TRP A 227 -12.12 -33.11 -0.28
N GLU A 228 -12.38 -32.87 0.98
CA GLU A 228 -13.27 -33.65 1.81
C GLU A 228 -13.87 -32.64 2.72
N ASP A 229 -14.98 -32.92 3.34
CA ASP A 229 -15.48 -31.90 4.26
C ASP A 229 -14.70 -32.04 5.57
N HIS A 230 -13.49 -31.51 5.54
CA HIS A 230 -12.50 -31.59 6.61
C HIS A 230 -12.72 -30.65 7.80
N CYS A 231 -13.30 -29.47 7.55
CA CYS A 231 -13.42 -28.37 8.47
C CYS A 231 -14.42 -28.59 9.61
N GLN A 232 -13.97 -28.25 10.82
CA GLN A 232 -14.84 -28.33 12.01
C GLN A 232 -14.23 -27.37 13.02
N PHE A 233 -14.98 -26.97 14.06
CA PHE A 233 -14.37 -26.13 15.12
C PHE A 233 -14.30 -24.67 14.63
N SER A 234 -14.76 -24.40 13.40
CA SER A 234 -14.64 -23.03 12.82
C SER A 234 -15.34 -22.93 11.46
N ARG A 235 -15.37 -21.72 10.87
CA ARG A 235 -15.98 -21.51 9.58
C ARG A 235 -14.85 -21.23 8.60
N PRO A 236 -14.77 -21.87 7.44
CA PRO A 236 -13.74 -21.63 6.48
C PRO A 236 -13.71 -20.17 6.15
N SER A 237 -12.51 -19.64 6.01
CA SER A 237 -12.33 -18.23 5.74
C SER A 237 -11.06 -17.94 4.96
N PRO A 238 -11.09 -17.04 3.98
CA PRO A 238 -9.96 -16.63 3.20
C PRO A 238 -9.08 -15.61 3.95
N ILE A 239 -9.48 -15.17 5.13
CA ILE A 239 -8.74 -14.07 5.74
C ILE A 239 -7.29 -14.38 6.03
N GLY A 240 -6.97 -15.58 6.52
CA GLY A 240 -5.57 -15.87 6.82
C GLY A 240 -4.72 -15.65 5.56
N TYR A 241 -5.12 -16.31 4.49
CA TYR A 241 -4.42 -16.23 3.22
C TYR A 241 -4.32 -14.81 2.71
N LEU A 242 -5.43 -14.08 2.75
CA LEU A 242 -5.45 -12.73 2.22
C LEU A 242 -4.49 -11.85 3.01
N GLY A 243 -4.46 -12.07 4.32
CA GLY A 243 -3.59 -11.33 5.21
C GLY A 243 -2.12 -11.58 4.88
N LEU A 244 -1.79 -12.79 4.44
CA LEU A 244 -0.44 -13.12 4.06
C LEU A 244 -0.09 -12.54 2.70
N LEU A 245 -1.05 -12.49 1.79
CA LEU A 245 -0.72 -11.93 0.48
C LEU A 245 -0.32 -10.49 0.61
N SER A 246 -1.05 -9.74 1.44
CA SER A 246 -0.71 -8.33 1.63
C SER A 246 0.32 -8.19 2.72
N GLN A 247 1.47 -8.81 2.52
CA GLN A 247 2.52 -8.79 3.52
C GLN A 247 3.14 -7.42 3.66
N ARG A 248 3.30 -6.71 2.54
CA ARG A 248 3.87 -5.36 2.47
C ARG A 248 5.36 -5.27 2.86
N THR A 249 5.67 -5.62 4.11
CA THR A 249 7.03 -5.58 4.63
C THR A 249 7.58 -6.98 4.80
N ARG A 250 8.73 -7.22 4.21
CA ARG A 250 9.35 -8.53 4.32
C ARG A 250 10.53 -8.52 5.27
N ASP A 251 10.51 -9.42 6.24
CA ASP A 251 11.58 -9.50 7.22
C ASP A 251 12.74 -10.32 6.69
N ILE A 252 13.58 -9.70 5.87
CA ILE A 252 14.65 -10.49 5.20
C ILE A 252 16.04 -10.02 5.63
N TYR A 253 16.85 -10.91 6.21
CA TYR A 253 18.26 -10.57 6.56
C TYR A 253 19.10 -10.52 5.29
N ILE A 254 20.21 -9.79 5.31
CA ILE A 254 21.12 -9.72 4.13
C ILE A 254 21.74 -11.10 3.89
N SER A 255 21.50 -11.69 2.71
CA SER A 255 22.05 -13.02 2.37
C SER A 255 22.57 -13.85 3.56
N GLY B 1 -25.39 1.95 -11.15
CA GLY B 1 -24.43 1.74 -10.09
C GLY B 1 -24.32 2.98 -9.20
N THR B 2 -24.86 2.89 -7.95
CA THR B 2 -24.83 3.95 -6.92
C THR B 2 -23.73 3.64 -5.93
N PHE B 3 -23.10 2.51 -6.18
CA PHE B 3 -22.03 1.99 -5.34
C PHE B 3 -20.69 2.03 -6.05
N THR B 4 -19.80 2.88 -5.58
CA THR B 4 -18.50 3.00 -6.21
C THR B 4 -17.64 1.88 -5.67
N TRP B 5 -18.11 1.26 -4.61
CA TRP B 5 -17.41 0.13 -4.05
C TRP B 5 -17.53 -1.14 -4.94
N THR B 6 -18.51 -1.19 -5.87
CA THR B 6 -18.65 -2.40 -6.68
C THR B 6 -17.87 -2.36 -7.97
N LEU B 7 -17.71 -3.52 -8.59
CA LEU B 7 -17.03 -3.53 -9.89
C LEU B 7 -18.02 -3.40 -11.02
N SER B 8 -19.23 -3.91 -10.81
CA SER B 8 -20.25 -3.91 -11.83
C SER B 8 -20.75 -2.53 -12.13
N ASP B 9 -21.03 -2.25 -13.40
CA ASP B 9 -21.61 -0.97 -13.80
C ASP B 9 -23.13 -1.04 -13.89
N SER B 10 -23.68 -2.21 -13.56
CA SER B 10 -25.10 -2.50 -13.60
C SER B 10 -25.66 -2.70 -12.21
N GLU B 11 -24.86 -2.35 -11.21
CA GLU B 11 -25.24 -2.55 -9.83
C GLU B 11 -26.53 -1.83 -9.43
N GLY B 12 -26.80 -0.67 -10.01
CA GLY B 12 -27.96 0.10 -9.64
C GLY B 12 -29.24 -0.36 -10.35
N LYS B 13 -29.16 -1.36 -11.23
CA LYS B 13 -30.37 -1.79 -11.92
C LYS B 13 -31.09 -2.84 -11.06
N ASP B 14 -31.56 -2.37 -9.92
CA ASP B 14 -32.18 -3.15 -8.85
C ASP B 14 -33.04 -2.23 -8.02
N THR B 15 -33.69 -2.77 -6.98
CA THR B 15 -34.49 -1.96 -6.08
C THR B 15 -33.68 -0.68 -5.80
N PRO B 16 -34.12 0.50 -6.23
CA PRO B 16 -33.42 1.76 -6.08
C PRO B 16 -32.98 2.10 -4.66
N GLY B 17 -33.75 1.66 -3.67
CA GLY B 17 -33.44 1.96 -2.30
C GLY B 17 -32.75 0.86 -1.50
N GLY B 18 -32.39 -0.27 -2.12
CA GLY B 18 -31.82 -1.33 -1.28
C GLY B 18 -30.86 -2.25 -2.02
N TYR B 19 -29.96 -2.80 -1.24
CA TYR B 19 -29.04 -3.80 -1.71
C TYR B 19 -29.31 -5.09 -0.95
N CYS B 20 -29.52 -6.20 -1.67
CA CYS B 20 -29.87 -7.49 -1.07
C CYS B 20 -28.73 -8.48 -1.13
N LEU B 21 -28.62 -9.18 -0.03
CA LEU B 21 -27.69 -10.26 0.15
C LEU B 21 -28.48 -11.54 -0.04
N THR B 22 -28.08 -12.31 -1.03
CA THR B 22 -28.76 -13.54 -1.36
C THR B 22 -28.67 -14.56 -0.28
N ARG B 23 -29.64 -15.46 -0.26
CA ARG B 23 -29.67 -16.51 0.74
C ARG B 23 -28.44 -17.36 0.66
N TRP B 24 -27.86 -17.44 -0.51
CA TRP B 24 -26.72 -18.28 -0.71
C TRP B 24 -25.47 -17.78 -0.02
N MET B 25 -25.38 -16.49 0.27
CA MET B 25 -24.16 -15.98 0.89
C MET B 25 -24.31 -15.82 2.38
N LEU B 26 -25.43 -16.24 2.93
CA LEU B 26 -25.69 -16.04 4.34
C LEU B 26 -25.87 -17.36 5.05
N ILE B 27 -25.62 -17.38 6.34
CA ILE B 27 -25.85 -18.62 7.07
C ILE B 27 -27.22 -18.58 7.73
N GLU B 28 -28.12 -19.41 7.22
CA GLU B 28 -29.50 -19.55 7.70
C GLU B 28 -30.20 -18.20 7.85
N ALA B 29 -29.99 -17.30 6.89
CA ALA B 29 -30.62 -16.00 6.98
C ALA B 29 -31.82 -15.83 6.06
N GLU B 30 -31.89 -16.64 5.02
CA GLU B 30 -32.91 -16.58 3.99
C GLU B 30 -32.79 -15.33 3.12
N LEU B 31 -32.95 -14.14 3.69
CA LEU B 31 -32.79 -12.91 2.91
C LEU B 31 -32.50 -11.70 3.74
N LYS B 32 -31.46 -10.96 3.38
CA LYS B 32 -31.19 -9.72 4.11
C LYS B 32 -31.00 -8.58 3.13
N CYS B 33 -31.80 -7.50 3.25
CA CYS B 33 -31.72 -6.31 2.39
C CYS B 33 -31.48 -5.10 3.27
N PHE B 34 -30.45 -4.37 2.89
CA PHE B 34 -30.05 -3.19 3.61
C PHE B 34 -30.29 -1.98 2.75
N GLY B 35 -30.69 -0.88 3.35
CA GLY B 35 -30.97 0.28 2.54
C GLY B 35 -29.71 0.78 1.87
N ASN B 36 -29.88 1.31 0.66
CA ASN B 36 -28.76 1.82 -0.11
C ASN B 36 -28.15 3.01 0.58
N THR B 37 -28.93 3.72 1.38
CA THR B 37 -28.42 4.83 2.13
C THR B 37 -27.25 4.37 3.00
N ALA B 38 -27.38 3.21 3.65
CA ALA B 38 -26.32 2.74 4.51
C ALA B 38 -25.27 1.98 3.73
N VAL B 39 -25.68 1.22 2.73
CA VAL B 39 -24.72 0.40 2.03
C VAL B 39 -23.74 1.27 1.26
N ALA B 40 -24.26 2.32 0.65
CA ALA B 40 -23.48 3.26 -0.13
C ALA B 40 -22.45 3.97 0.72
N LYS B 41 -22.57 3.94 2.04
CA LYS B 41 -21.58 4.64 2.84
C LYS B 41 -20.16 4.20 2.56
N CYS B 42 -19.92 2.89 2.25
CA CYS B 42 -18.58 2.35 2.05
C CYS B 42 -18.08 2.60 0.63
N ASN B 43 -18.77 3.52 -0.07
CA ASN B 43 -18.21 4.03 -1.29
C ASN B 43 -16.98 4.83 -0.87
N GLU B 44 -17.04 5.40 0.34
CA GLU B 44 -15.94 6.15 0.90
C GLU B 44 -15.18 5.17 1.76
N LYS B 45 -13.90 5.36 1.97
CA LYS B 45 -13.23 4.40 2.83
C LYS B 45 -13.35 4.80 4.29
N HIS B 46 -14.04 3.97 5.07
CA HIS B 46 -14.24 4.26 6.48
C HIS B 46 -13.65 3.19 7.36
N ASP B 47 -12.85 2.33 6.76
CA ASP B 47 -12.27 1.22 7.49
C ASP B 47 -13.40 0.45 8.19
N GLU B 48 -14.48 0.23 7.45
CA GLU B 48 -15.71 -0.41 7.89
C GLU B 48 -15.74 -1.91 8.16
N GLU B 49 -14.80 -2.70 7.63
CA GLU B 49 -14.75 -4.17 7.81
C GLU B 49 -15.86 -4.92 7.07
N PHE B 50 -17.11 -4.60 7.33
CA PHE B 50 -18.19 -5.31 6.68
C PHE B 50 -18.12 -5.28 5.14
N CYS B 51 -17.89 -4.11 4.52
CA CYS B 51 -17.86 -3.96 3.06
C CYS B 51 -16.61 -4.59 2.45
N ASP B 52 -15.69 -5.12 3.24
CA ASP B 52 -14.57 -5.77 2.61
C ASP B 52 -15.10 -7.10 2.19
N MET B 53 -16.06 -7.63 2.94
CA MET B 53 -16.60 -8.89 2.55
C MET B 53 -17.54 -8.63 1.41
N LEU B 54 -18.23 -7.49 1.42
CA LEU B 54 -19.14 -7.28 0.31
C LEU B 54 -18.36 -7.14 -0.97
N ARG B 55 -17.20 -6.50 -0.92
CA ARG B 55 -16.40 -6.38 -2.12
C ARG B 55 -15.94 -7.75 -2.58
N LEU B 56 -15.55 -8.65 -1.65
CA LEU B 56 -15.19 -9.99 -2.10
C LEU B 56 -16.37 -10.75 -2.66
N PHE B 57 -17.55 -10.58 -2.10
CA PHE B 57 -18.70 -11.29 -2.64
C PHE B 57 -19.04 -10.73 -4.02
N ASP B 58 -18.93 -9.41 -4.21
CA ASP B 58 -19.21 -8.79 -5.49
C ASP B 58 -18.21 -9.29 -6.52
N PHE B 59 -16.94 -9.32 -6.15
CA PHE B 59 -15.92 -9.82 -7.04
C PHE B 59 -16.19 -11.24 -7.40
N ASN B 60 -16.45 -12.05 -6.39
CA ASN B 60 -16.65 -13.44 -6.60
C ASN B 60 -17.74 -13.65 -7.61
N LYS B 61 -18.85 -12.95 -7.45
CA LYS B 61 -19.92 -13.12 -8.41
C LYS B 61 -19.51 -12.68 -9.82
N GLN B 62 -18.87 -11.52 -9.95
CA GLN B 62 -18.53 -11.02 -11.27
C GLN B 62 -17.55 -11.94 -11.98
N ALA B 63 -16.66 -12.53 -11.22
CA ALA B 63 -15.62 -13.43 -11.72
C ALA B 63 -16.19 -14.76 -12.19
N ILE B 64 -17.42 -15.05 -11.80
CA ILE B 64 -18.06 -16.29 -12.15
C ILE B 64 -19.04 -16.07 -13.30
N GLN B 65 -19.82 -15.00 -13.22
CA GLN B 65 -20.82 -14.75 -14.24
C GLN B 65 -20.31 -14.15 -15.55
N ARG B 66 -19.24 -13.35 -15.50
CA ARG B 66 -18.80 -12.70 -16.73
C ARG B 66 -17.72 -13.47 -17.48
N LEU B 67 -16.96 -14.27 -16.76
CA LEU B 67 -15.86 -15.04 -17.34
C LEU B 67 -16.20 -16.49 -17.46
N LYS B 68 -15.62 -17.17 -18.43
CA LYS B 68 -15.83 -18.59 -18.40
C LYS B 68 -15.13 -19.06 -17.17
N ALA B 69 -15.78 -19.84 -16.33
CA ALA B 69 -15.04 -20.24 -15.15
C ALA B 69 -13.83 -21.03 -15.64
N PRO B 70 -12.60 -20.67 -15.25
CA PRO B 70 -11.39 -21.34 -15.65
C PRO B 70 -11.29 -22.71 -15.00
N ALA B 71 -12.03 -22.86 -13.91
CA ALA B 71 -12.08 -24.04 -13.06
C ALA B 71 -10.73 -24.41 -12.45
N GLN B 72 -9.79 -23.48 -12.48
CA GLN B 72 -8.45 -23.71 -11.96
C GLN B 72 -8.00 -22.65 -10.97
N MET B 73 -8.95 -22.04 -10.25
CA MET B 73 -8.73 -21.00 -9.22
C MET B 73 -8.27 -19.65 -9.71
N SER B 74 -7.27 -19.64 -10.57
CA SER B 74 -6.70 -18.39 -11.05
C SER B 74 -6.27 -17.56 -9.86
N ILE B 75 -5.37 -18.11 -9.07
CA ILE B 75 -4.88 -17.45 -7.88
C ILE B 75 -4.26 -16.12 -8.31
N GLN B 76 -3.60 -16.12 -9.42
CA GLN B 76 -2.98 -14.93 -9.97
C GLN B 76 -4.01 -13.82 -10.25
N LEU B 77 -5.31 -14.15 -10.35
CA LEU B 77 -6.34 -13.16 -10.55
C LEU B 77 -6.82 -12.69 -9.19
N ILE B 78 -6.99 -13.62 -8.24
CA ILE B 78 -7.48 -13.17 -6.95
C ILE B 78 -6.45 -12.25 -6.36
N ASN B 79 -5.19 -12.48 -6.64
CA ASN B 79 -4.18 -11.62 -6.08
C ASN B 79 -4.38 -10.17 -6.48
N LYS B 80 -4.91 -9.90 -7.67
CA LYS B 80 -5.08 -8.54 -8.06
C LYS B 80 -6.34 -8.00 -7.41
N ALA B 81 -7.34 -8.86 -7.27
CA ALA B 81 -8.60 -8.47 -6.63
C ALA B 81 -8.35 -8.07 -5.20
N VAL B 82 -7.43 -8.75 -4.54
CA VAL B 82 -7.11 -8.47 -3.17
C VAL B 82 -6.47 -7.13 -3.05
N ASN B 83 -5.52 -6.86 -3.90
CA ASN B 83 -4.86 -5.59 -3.78
C ASN B 83 -5.79 -4.43 -4.13
N ALA B 84 -6.74 -4.65 -5.04
CA ALA B 84 -7.68 -3.61 -5.41
C ALA B 84 -8.83 -3.41 -4.42
N LEU B 85 -9.33 -4.50 -3.84
CA LEU B 85 -10.51 -4.46 -2.99
C LEU B 85 -10.32 -4.48 -1.47
N ILE B 86 -9.25 -5.06 -0.98
CA ILE B 86 -9.09 -5.22 0.45
C ILE B 86 -8.38 -4.16 1.25
N ASN B 87 -8.99 -3.81 2.37
CA ASN B 87 -8.40 -2.88 3.29
C ASN B 87 -7.40 -3.65 4.12
N ASP B 88 -6.13 -3.37 3.88
CA ASP B 88 -5.06 -4.14 4.48
C ASP B 88 -4.82 -3.68 5.87
N GLN B 89 -5.08 -2.42 6.14
CA GLN B 89 -4.84 -1.94 7.46
C GLN B 89 -5.82 -2.59 8.39
N LEU B 90 -7.05 -2.82 7.95
CA LEU B 90 -7.94 -3.50 8.86
C LEU B 90 -7.53 -4.91 9.14
N ILE B 91 -7.05 -5.65 8.15
CA ILE B 91 -6.66 -7.00 8.49
C ILE B 91 -5.49 -6.96 9.44
N MET B 92 -4.52 -6.11 9.16
CA MET B 92 -3.38 -6.03 10.03
C MET B 92 -3.75 -5.58 11.42
N LYS B 93 -4.69 -4.65 11.56
CA LYS B 93 -5.09 -4.21 12.89
C LYS B 93 -5.78 -5.32 13.63
N ASN B 94 -6.60 -6.11 12.95
CA ASN B 94 -7.25 -7.18 13.68
C ASN B 94 -6.23 -8.22 14.08
N HIS B 95 -5.21 -8.42 13.25
CA HIS B 95 -4.13 -9.31 13.60
C HIS B 95 -3.41 -8.78 14.81
N LEU B 96 -3.07 -7.49 14.82
CA LEU B 96 -2.36 -6.94 15.95
C LEU B 96 -3.20 -7.02 17.19
N ARG B 97 -4.49 -6.76 17.09
CA ARG B 97 -5.29 -6.83 18.29
C ARG B 97 -5.30 -8.24 18.82
N ASP B 98 -5.36 -9.21 17.93
CA ASP B 98 -5.39 -10.59 18.36
C ASP B 98 -4.11 -10.90 19.10
N ILE B 99 -2.96 -10.60 18.50
CA ILE B 99 -1.71 -10.97 19.14
C ILE B 99 -1.42 -10.12 20.36
N MET B 100 -1.97 -8.91 20.43
CA MET B 100 -1.82 -8.04 21.60
C MET B 100 -2.86 -8.27 22.73
N CYS B 101 -3.73 -9.33 22.61
CA CYS B 101 -4.78 -9.76 23.54
C CYS B 101 -5.89 -8.70 23.69
N ILE B 102 -6.23 -8.04 22.59
CA ILE B 102 -7.25 -7.02 22.48
C ILE B 102 -8.37 -7.62 21.63
N PRO B 103 -9.65 -7.50 21.97
CA PRO B 103 -10.76 -8.03 21.19
C PRO B 103 -10.64 -7.56 19.75
N TYR B 104 -10.99 -8.45 18.82
CA TYR B 104 -10.81 -8.18 17.40
C TYR B 104 -11.88 -8.77 16.51
N CYS B 105 -11.96 -8.31 15.23
CA CYS B 105 -12.93 -8.80 14.25
C CYS B 105 -12.64 -10.23 13.81
N ASN B 106 -13.68 -11.01 13.90
CA ASN B 106 -13.73 -12.42 13.53
C ASN B 106 -13.92 -12.64 12.02
N TYR B 107 -14.51 -11.64 11.29
CA TYR B 107 -14.93 -11.65 9.88
C TYR B 107 -15.96 -12.72 9.57
N SER B 108 -16.90 -12.87 10.47
CA SER B 108 -17.97 -13.85 10.33
C SER B 108 -19.29 -13.28 10.81
N LYS B 109 -19.34 -12.91 12.09
CA LYS B 109 -20.54 -12.39 12.70
C LYS B 109 -20.51 -10.87 12.72
N TYR B 110 -21.61 -10.29 12.32
CA TYR B 110 -21.82 -8.87 12.27
C TYR B 110 -23.11 -8.48 12.97
N TRP B 111 -23.21 -7.24 13.43
CA TRP B 111 -24.45 -6.78 14.03
C TRP B 111 -24.85 -5.46 13.47
N TYR B 112 -26.13 -5.20 13.53
CA TYR B 112 -26.68 -3.97 13.04
C TYR B 112 -27.92 -3.60 13.81
N LEU B 113 -28.30 -2.35 13.70
CA LEU B 113 -29.56 -1.98 14.32
C LEU B 113 -30.63 -1.91 13.28
N ASN B 114 -31.83 -2.39 13.64
CA ASN B 114 -33.03 -2.47 12.82
C ASN B 114 -34.19 -1.73 13.48
N HIS B 115 -34.66 -0.62 12.87
CA HIS B 115 -35.74 0.20 13.42
C HIS B 115 -37.02 -0.59 13.40
N THR B 116 -37.70 -0.61 14.53
CA THR B 116 -38.82 -1.49 14.65
C THR B 116 -40.07 -1.11 13.89
N THR B 117 -40.21 0.13 13.45
CA THR B 117 -41.41 0.42 12.69
C THR B 117 -41.10 0.81 11.28
N THR B 118 -39.87 1.25 11.01
CA THR B 118 -39.60 1.68 9.64
C THR B 118 -38.88 0.64 8.82
N GLY B 119 -38.22 -0.31 9.46
CA GLY B 119 -37.47 -1.32 8.73
C GLY B 119 -36.11 -0.81 8.28
N ARG B 120 -35.76 0.40 8.67
CA ARG B 120 -34.49 0.95 8.27
C ARG B 120 -33.37 0.37 9.12
N THR B 121 -32.27 0.01 8.48
CA THR B 121 -31.14 -0.55 9.20
C THR B 121 -29.83 0.20 9.01
N SER B 122 -28.92 -0.01 9.95
CA SER B 122 -27.57 0.52 9.89
C SER B 122 -26.70 -0.35 9.05
N LEU B 123 -25.53 0.15 8.69
CA LEU B 123 -24.59 -0.73 8.05
C LEU B 123 -24.16 -1.63 9.21
N PRO B 124 -23.93 -2.94 9.02
CA PRO B 124 -23.39 -3.85 10.01
C PRO B 124 -21.99 -3.52 10.45
N LYS B 125 -21.69 -3.88 11.68
CA LYS B 125 -20.38 -3.74 12.32
C LYS B 125 -19.93 -5.14 12.72
N CYS B 126 -18.61 -5.42 12.72
CA CYS B 126 -18.09 -6.75 13.08
C CYS B 126 -18.21 -7.05 14.58
N TRP B 127 -18.71 -8.23 14.90
CA TRP B 127 -18.82 -8.67 16.28
C TRP B 127 -17.44 -9.14 16.68
N LEU B 128 -16.97 -8.68 17.80
CA LEU B 128 -15.64 -9.00 18.27
C LEU B 128 -15.53 -10.28 19.07
N VAL B 129 -14.35 -10.85 19.01
CA VAL B 129 -14.00 -12.04 19.75
C VAL B 129 -12.75 -11.86 20.58
N SER B 130 -12.59 -12.73 21.58
CA SER B 130 -11.41 -12.65 22.47
C SER B 130 -11.19 -13.99 23.17
N ASN B 131 -10.07 -14.65 22.90
CA ASN B 131 -9.75 -15.95 23.57
C ASN B 131 -10.76 -17.02 23.15
N GLY B 132 -10.87 -17.29 21.84
CA GLY B 132 -11.72 -18.38 21.39
C GLY B 132 -13.23 -18.14 21.41
N SER B 133 -13.72 -17.06 21.98
CA SER B 133 -15.17 -16.88 21.93
C SER B 133 -15.63 -15.47 21.65
N TYR B 134 -16.93 -15.30 21.58
CA TYR B 134 -17.50 -14.00 21.30
C TYR B 134 -17.61 -13.16 22.53
N LEU B 135 -17.43 -11.87 22.34
CA LEU B 135 -17.65 -10.98 23.45
C LEU B 135 -19.12 -10.92 23.75
N ASN B 136 -19.45 -10.79 25.05
CA ASN B 136 -20.81 -10.63 25.55
C ASN B 136 -21.37 -9.26 25.13
N GLU B 137 -22.71 -9.18 25.03
CA GLU B 137 -23.49 -8.03 24.56
C GLU B 137 -23.28 -6.77 25.38
N THR B 138 -23.02 -6.95 26.65
CA THR B 138 -22.82 -5.82 27.51
C THR B 138 -21.60 -5.01 27.09
N HIS B 139 -20.61 -5.64 26.47
CA HIS B 139 -19.39 -4.94 26.15
C HIS B 139 -19.53 -4.13 24.90
N PHE B 140 -20.66 -4.29 24.23
CA PHE B 140 -20.93 -3.56 23.02
C PHE B 140 -21.95 -2.49 23.32
N SER B 141 -22.33 -2.32 24.58
CA SER B 141 -23.39 -1.38 24.87
C SER B 141 -23.05 0.00 24.39
N ASP B 142 -21.81 0.42 24.57
CA ASP B 142 -21.42 1.75 24.16
C ASP B 142 -21.46 1.90 22.66
N ASP B 143 -21.10 0.84 21.95
CA ASP B 143 -21.04 0.91 20.50
C ASP B 143 -22.43 0.89 19.93
N ILE B 144 -23.30 0.13 20.57
CA ILE B 144 -24.63 -0.01 20.08
C ILE B 144 -25.37 1.28 20.35
N GLU B 145 -25.22 1.83 21.54
CA GLU B 145 -25.89 3.07 21.84
C GLU B 145 -25.42 4.15 20.89
N GLN B 146 -24.12 4.20 20.59
CA GLN B 146 -23.69 5.24 19.67
C GLN B 146 -24.27 5.01 18.30
N GLN B 147 -24.36 3.77 17.85
CA GLN B 147 -24.90 3.52 16.53
C GLN B 147 -26.36 3.92 16.50
N ALA B 148 -27.07 3.66 17.59
CA ALA B 148 -28.47 4.02 17.67
C ALA B 148 -28.62 5.53 17.63
N ASP B 149 -27.69 6.27 18.24
CA ASP B 149 -27.80 7.73 18.23
C ASP B 149 -27.44 8.24 16.86
N ASN B 150 -26.56 7.55 16.18
CA ASN B 150 -26.20 8.01 14.87
C ASN B 150 -27.41 7.85 13.97
N MET B 151 -28.13 6.73 14.10
CA MET B 151 -29.30 6.55 13.25
C MET B 151 -30.40 7.52 13.58
N ILE B 152 -30.57 7.83 14.86
CA ILE B 152 -31.60 8.77 15.24
C ILE B 152 -31.27 10.11 14.69
N THR B 153 -30.00 10.50 14.81
CA THR B 153 -29.59 11.77 14.31
C THR B 153 -29.86 11.87 12.84
N GLU B 154 -29.52 10.83 12.08
CA GLU B 154 -29.74 10.87 10.64
C GLU B 154 -31.21 11.00 10.30
N MET B 155 -32.08 10.28 11.02
CA MET B 155 -33.49 10.38 10.72
C MET B 155 -33.97 11.78 10.97
N LEU B 156 -33.55 12.37 12.08
CA LEU B 156 -34.01 13.70 12.38
C LEU B 156 -33.46 14.74 11.43
N GLN B 157 -32.20 14.60 11.02
CA GLN B 157 -31.64 15.57 10.10
C GLN B 157 -32.25 15.45 8.75
N LYS B 158 -32.58 14.23 8.34
CA LYS B 158 -33.23 14.05 7.07
C LYS B 158 -34.57 14.74 7.10
N GLU B 159 -35.34 14.52 8.17
CA GLU B 159 -36.66 15.12 8.26
C GLU B 159 -36.58 16.63 8.30
N TYR B 160 -35.58 17.13 9.01
CA TYR B 160 -35.38 18.55 9.13
C TYR B 160 -35.15 19.15 7.77
N MET B 161 -34.23 18.58 7.01
CA MET B 161 -34.00 19.14 5.71
C MET B 161 -35.12 18.90 4.72
N GLU B 162 -35.89 17.83 4.85
CA GLU B 162 -36.98 17.72 3.91
C GLU B 162 -37.93 18.90 4.11
N ARG B 163 -38.16 19.28 5.36
CA ARG B 163 -39.03 20.42 5.64
C ARG B 163 -38.39 21.75 5.24
N GLN B 164 -37.09 21.88 5.48
CA GLN B 164 -36.34 23.13 5.23
C GLN B 164 -35.79 23.40 3.82
N GLY B 165 -35.45 22.35 3.06
CA GLY B 165 -34.86 22.41 1.74
C GLY B 165 -34.30 21.06 1.36
N THR C 59 1.47 35.57 21.69
CA THR C 59 1.55 35.58 20.24
C THR C 59 0.27 36.17 19.61
N SER C 60 0.12 35.98 18.28
CA SER C 60 -0.97 36.46 17.45
C SER C 60 -2.33 35.85 17.77
N LEU C 61 -3.32 36.71 17.70
CA LEU C 61 -4.71 36.40 17.90
C LEU C 61 -5.42 36.33 16.57
N TYR C 62 -6.00 35.19 16.26
CA TYR C 62 -6.63 35.00 14.99
C TYR C 62 -8.12 35.19 15.10
N LYS C 63 -8.66 35.99 14.18
CA LYS C 63 -10.08 36.33 14.08
C LYS C 63 -10.60 37.02 15.32
N GLY C 64 -9.70 37.45 16.18
CA GLY C 64 -10.06 38.12 17.39
C GLY C 64 -10.38 37.15 18.53
N VAL C 65 -10.40 35.83 18.26
CA VAL C 65 -10.75 34.88 19.31
C VAL C 65 -9.81 33.69 19.53
N TYR C 66 -8.83 33.44 18.65
CA TYR C 66 -7.99 32.27 18.87
C TYR C 66 -6.55 32.59 19.10
N GLU C 67 -5.98 31.99 20.11
CA GLU C 67 -4.58 32.19 20.36
C GLU C 67 -3.83 31.10 19.67
N LEU C 68 -2.80 31.46 18.95
CA LEU C 68 -2.03 30.41 18.34
C LEU C 68 -1.20 29.74 19.39
N GLN C 69 -1.23 28.43 19.45
CA GLN C 69 -0.42 27.72 20.41
C GLN C 69 0.35 26.61 19.75
N THR C 70 1.50 26.27 20.33
CA THR C 70 2.28 25.18 19.78
C THR C 70 2.43 24.00 20.70
N LEU C 71 2.81 22.90 20.10
CA LEU C 71 2.99 21.62 20.74
C LEU C 71 4.26 20.96 20.24
N GLU C 72 5.07 20.41 21.14
CA GLU C 72 6.26 19.68 20.67
C GLU C 72 6.23 18.30 21.25
N LEU C 73 6.34 17.28 20.39
CA LEU C 73 6.23 15.91 20.87
C LEU C 73 7.56 15.32 21.27
N ASN C 74 7.53 14.52 22.32
CA ASN C 74 8.72 13.87 22.81
C ASN C 74 8.86 12.45 22.28
N MET C 75 9.65 12.28 21.25
CA MET C 75 9.72 10.98 20.61
C MET C 75 10.74 10.10 21.30
N GLU C 76 11.34 10.62 22.34
CA GLU C 76 12.36 9.93 23.07
C GLU C 76 11.76 8.85 23.92
N THR C 77 10.43 8.84 24.08
CA THR C 77 9.81 7.83 24.92
C THR C 77 9.29 6.65 24.11
N LEU C 78 9.59 6.65 22.81
CA LEU C 78 9.20 5.55 21.93
C LEU C 78 10.28 4.42 21.77
N ASN C 79 11.45 4.56 22.48
CA ASN C 79 12.68 3.75 22.47
C ASN C 79 12.46 2.25 22.66
N MET C 80 11.46 1.83 23.48
CA MET C 80 11.17 0.43 23.75
C MET C 80 10.54 -0.32 22.60
N THR C 81 9.87 0.37 21.69
CA THR C 81 9.18 -0.34 20.62
C THR C 81 9.70 -0.04 19.22
N MET C 82 10.40 1.08 19.04
CA MET C 82 10.86 1.41 17.70
C MET C 82 12.20 2.13 17.80
N PRO C 83 13.11 1.98 16.84
CA PRO C 83 14.40 2.63 16.80
C PRO C 83 14.25 4.12 16.58
N LEU C 84 15.16 4.89 17.13
CA LEU C 84 15.15 6.33 16.93
C LEU C 84 16.44 6.81 16.28
N SER C 85 16.30 7.56 15.19
CA SER C 85 17.45 8.09 14.47
C SER C 85 17.73 9.53 14.90
N CYS C 86 19.02 9.94 14.96
CA CYS C 86 19.45 11.30 15.29
C CYS C 86 20.79 11.62 14.65
N THR C 87 21.20 12.87 14.73
CA THR C 87 22.50 13.28 14.24
C THR C 87 23.36 13.71 15.40
N LYS C 88 24.58 14.07 15.07
CA LYS C 88 25.52 14.55 16.06
C LYS C 88 26.42 15.66 15.50
N ASN C 89 27.19 15.38 14.40
CA ASN C 89 28.09 16.38 13.81
C ASN C 89 28.43 16.10 12.33
N ASN C 90 27.44 15.61 11.53
CA ASN C 90 27.54 15.25 10.10
C ASN C 90 28.33 13.97 9.90
N SER C 91 29.55 13.97 10.41
CA SER C 91 30.45 12.84 10.29
C SER C 91 29.92 11.64 11.06
N HIS C 92 29.02 11.90 11.99
CA HIS C 92 28.42 10.85 12.78
C HIS C 92 26.93 11.06 12.94
N HIS C 93 26.22 9.95 12.78
CA HIS C 93 24.79 9.81 12.98
C HIS C 93 24.50 8.54 13.77
N TYR C 94 23.39 8.50 14.47
CA TYR C 94 23.09 7.32 15.26
C TYR C 94 21.70 6.75 15.14
N ILE C 95 21.60 5.44 15.31
CA ILE C 95 20.31 4.76 15.40
C ILE C 95 20.24 4.01 16.71
N MET C 96 19.41 4.44 17.63
CA MET C 96 19.37 3.77 18.92
C MET C 96 18.17 2.88 19.13
N VAL C 97 18.41 1.75 19.77
CA VAL C 97 17.35 0.81 20.13
C VAL C 97 17.27 0.60 21.65
N GLY C 98 16.07 0.79 22.16
CA GLY C 98 15.85 0.64 23.56
C GLY C 98 16.73 1.69 24.17
N ASN C 99 17.29 1.40 25.32
CA ASN C 99 18.23 2.24 26.06
C ASN C 99 19.59 1.54 26.22
N GLU C 100 19.88 0.46 25.43
CA GLU C 100 21.10 -0.36 25.53
C GLU C 100 22.07 -0.29 24.37
N THR C 101 21.59 -0.19 23.14
CA THR C 101 22.56 -0.24 22.03
C THR C 101 22.10 0.44 20.78
N GLY C 102 22.91 0.32 19.75
CA GLY C 102 22.55 0.89 18.49
C GLY C 102 23.69 1.00 17.51
N LEU C 103 23.40 1.60 16.37
CA LEU C 103 24.40 1.72 15.35
C LEU C 103 24.95 3.12 15.25
N GLU C 104 26.22 3.18 14.96
CA GLU C 104 26.92 4.40 14.69
C GLU C 104 27.23 4.44 13.21
N LEU C 105 26.68 5.43 12.53
CA LEU C 105 26.82 5.57 11.10
C LEU C 105 27.82 6.66 10.85
N THR C 106 28.94 6.37 10.19
CA THR C 106 29.86 7.47 10.03
C THR C 106 30.33 7.66 8.62
N LEU C 107 30.71 8.89 8.32
CA LEU C 107 31.28 9.21 7.02
C LEU C 107 32.70 9.59 7.28
N THR C 108 33.61 8.67 7.01
CA THR C 108 35.00 8.94 7.36
C THR C 108 36.02 8.40 6.35
N ASN C 109 37.21 9.05 6.25
CA ASN C 109 38.32 8.58 5.42
C ASN C 109 39.22 7.66 6.28
N THR C 110 38.68 6.47 6.65
CA THR C 110 39.34 5.49 7.55
C THR C 110 39.74 4.13 6.99
N SER C 111 39.14 3.69 5.91
CA SER C 111 39.50 2.40 5.31
C SER C 111 39.62 1.26 6.33
N ILE C 112 38.59 1.03 7.15
CA ILE C 112 38.72 0.03 8.21
C ILE C 112 38.66 -1.44 7.77
N ILE C 113 37.90 -1.76 6.75
CA ILE C 113 37.85 -3.15 6.29
C ILE C 113 38.66 -3.24 5.02
N ASN C 114 39.62 -4.17 5.00
CA ASN C 114 40.57 -4.27 3.91
C ASN C 114 40.51 -5.54 3.10
N HIS C 115 39.31 -6.04 2.92
CA HIS C 115 39.01 -7.18 2.08
C HIS C 115 37.72 -6.88 1.35
N LYS C 116 37.49 -7.55 0.22
CA LYS C 116 36.30 -7.26 -0.61
C LYS C 116 35.22 -8.33 -0.61
N PHE C 117 34.71 -8.64 0.54
CA PHE C 117 33.61 -9.58 0.70
C PHE C 117 32.91 -9.38 2.04
N CYS C 118 31.66 -9.88 2.17
CA CYS C 118 30.84 -9.81 3.39
C CYS C 118 30.35 -11.22 3.76
N ASN C 119 30.87 -11.76 4.87
CA ASN C 119 30.58 -13.14 5.26
C ASN C 119 29.24 -13.26 6.01
N LEU C 120 28.13 -13.03 5.29
CA LEU C 120 26.76 -13.05 5.83
C LEU C 120 26.26 -14.43 6.16
N SER C 121 26.52 -15.40 5.29
CA SER C 121 26.01 -16.72 5.55
C SER C 121 26.72 -17.33 6.72
N ASP C 122 27.97 -16.94 6.89
CA ASP C 122 28.78 -17.44 7.97
C ASP C 122 28.27 -16.85 9.27
N ALA C 123 27.94 -15.55 9.24
CA ALA C 123 27.39 -14.86 10.40
C ALA C 123 26.04 -15.43 10.78
N HIS C 124 25.27 -15.85 9.78
CA HIS C 124 23.96 -16.39 10.10
C HIS C 124 24.13 -17.75 10.77
N LYS C 125 25.11 -18.55 10.34
CA LYS C 125 25.30 -19.81 11.05
C LYS C 125 25.84 -19.55 12.45
N LYS C 126 26.83 -18.67 12.56
CA LYS C 126 27.36 -18.34 13.88
C LYS C 126 26.56 -17.19 14.43
N ASN C 127 25.36 -17.48 14.83
CA ASN C 127 24.52 -16.38 15.20
C ASN C 127 24.78 -15.92 16.60
N LEU C 128 25.66 -14.95 16.68
CA LEU C 128 26.06 -14.30 17.90
C LEU C 128 25.68 -12.84 17.82
N TYR C 129 24.66 -12.52 17.05
CA TYR C 129 24.33 -11.12 16.87
C TYR C 129 22.92 -10.74 17.28
N ASP C 130 22.74 -9.45 17.57
CA ASP C 130 21.42 -8.94 17.88
C ASP C 130 20.61 -8.86 16.63
N HIS C 131 19.51 -9.59 16.60
CA HIS C 131 18.70 -9.64 15.40
C HIS C 131 18.19 -8.26 15.07
N ALA C 132 17.93 -7.43 16.09
CA ALA C 132 17.42 -6.11 15.79
C ALA C 132 18.42 -5.30 14.98
N LEU C 133 19.72 -5.49 15.23
CA LEU C 133 20.65 -4.64 14.53
C LEU C 133 20.79 -5.17 13.13
N MET C 134 20.76 -6.49 12.98
CA MET C 134 20.90 -7.03 11.65
C MET C 134 19.73 -6.64 10.79
N SER C 135 18.54 -6.60 11.40
CA SER C 135 17.33 -6.23 10.70
C SER C 135 17.40 -4.79 10.21
N ILE C 136 17.89 -3.89 11.07
CA ILE C 136 18.01 -2.49 10.69
C ILE C 136 18.99 -2.34 9.54
N ILE C 137 20.12 -3.04 9.61
CA ILE C 137 21.12 -2.97 8.57
C ILE C 137 20.58 -3.52 7.28
N SER C 138 19.86 -4.62 7.35
CA SER C 138 19.28 -5.16 6.15
C SER C 138 18.33 -4.17 5.54
N THR C 139 17.50 -3.54 6.36
CA THR C 139 16.57 -2.57 5.84
C THR C 139 17.35 -1.49 5.11
N PHE C 140 18.45 -1.03 5.70
CA PHE C 140 19.28 -0.05 5.02
C PHE C 140 19.82 -0.58 3.69
N HIS C 141 20.43 -1.75 3.72
CA HIS C 141 21.08 -2.28 2.53
C HIS C 141 20.17 -2.52 1.36
N LEU C 142 19.03 -3.10 1.65
CA LEU C 142 18.09 -3.49 0.63
C LEU C 142 17.37 -2.28 0.07
N SER C 143 17.56 -1.12 0.67
CA SER C 143 16.91 0.09 0.24
C SER C 143 17.84 0.91 -0.65
N ILE C 144 19.07 0.43 -0.88
CA ILE C 144 19.98 1.17 -1.74
C ILE C 144 19.52 0.89 -3.16
N PRO C 145 19.13 1.88 -3.95
CA PRO C 145 18.62 1.64 -5.27
C PRO C 145 19.74 1.22 -6.17
N ASN C 146 19.46 0.30 -7.06
CA ASN C 146 20.41 -0.10 -8.08
C ASN C 146 21.78 -0.45 -7.53
N PHE C 147 21.84 -1.20 -6.45
CA PHE C 147 23.14 -1.50 -5.93
C PHE C 147 23.77 -2.65 -6.68
N ASN C 148 24.61 -2.29 -7.65
CA ASN C 148 25.28 -3.26 -8.49
C ASN C 148 26.70 -3.58 -8.05
N GLN C 149 27.33 -2.64 -7.35
CA GLN C 149 28.73 -2.82 -7.02
C GLN C 149 28.94 -3.59 -5.75
N TYR C 150 28.81 -4.89 -5.84
CA TYR C 150 28.86 -5.73 -4.65
C TYR C 150 30.22 -5.81 -4.02
N GLU C 151 31.27 -5.59 -4.78
CA GLU C 151 32.62 -5.60 -4.25
C GLU C 151 32.85 -4.38 -3.35
N ALA C 152 31.93 -3.42 -3.37
CA ALA C 152 32.04 -2.23 -2.54
C ALA C 152 31.53 -2.50 -1.15
N MET C 153 30.89 -3.65 -0.91
CA MET C 153 30.39 -3.92 0.42
C MET C 153 31.23 -4.98 1.08
N SER C 154 31.88 -4.63 2.17
CA SER C 154 32.72 -5.59 2.83
C SER C 154 32.29 -5.69 4.28
N CYS C 155 32.42 -6.90 4.91
CA CYS C 155 32.04 -7.09 6.32
C CYS C 155 33.01 -7.98 7.07
N ASP C 156 33.07 -7.76 8.36
CA ASP C 156 33.85 -8.62 9.24
C ASP C 156 33.13 -8.82 10.55
N PHE C 157 32.17 -9.73 10.55
CA PHE C 157 31.29 -9.89 11.69
C PHE C 157 32.07 -10.47 12.87
N ASN C 158 33.00 -11.37 12.59
CA ASN C 158 33.79 -11.96 13.66
C ASN C 158 32.91 -12.43 14.79
N GLY C 159 31.85 -13.17 14.48
CA GLY C 159 30.93 -13.53 15.52
C GLY C 159 29.87 -12.44 15.63
N GLY C 160 29.85 -11.72 16.74
CA GLY C 160 28.75 -10.81 17.05
C GLY C 160 28.87 -9.34 16.67
N LYS C 161 29.87 -8.93 15.90
CA LYS C 161 30.04 -7.52 15.57
C LYS C 161 29.23 -7.18 14.36
N ILE C 162 28.97 -5.90 14.15
CA ILE C 162 28.37 -5.53 12.89
C ILE C 162 29.39 -5.34 11.79
N SER C 163 30.40 -4.49 12.00
CA SER C 163 31.47 -4.35 11.02
C SER C 163 31.08 -4.18 9.54
N VAL C 164 30.27 -3.21 9.16
CA VAL C 164 29.90 -3.10 7.74
C VAL C 164 30.45 -1.86 7.05
N GLN C 165 31.17 -2.06 5.94
CA GLN C 165 31.75 -0.96 5.19
C GLN C 165 31.29 -0.84 3.76
N TYR C 166 30.82 0.35 3.41
CA TYR C 166 30.45 0.63 2.02
C TYR C 166 31.49 1.56 1.39
N ASN C 167 32.23 1.07 0.38
CA ASN C 167 33.32 1.78 -0.29
C ASN C 167 32.77 2.66 -1.42
N LEU C 168 32.77 3.98 -1.20
CA LEU C 168 32.31 5.02 -2.09
C LEU C 168 33.51 5.83 -2.45
N SER C 169 34.68 5.22 -2.45
CA SER C 169 35.90 5.96 -2.66
C SER C 169 35.87 6.83 -3.89
N HIS C 170 36.32 8.07 -3.72
CA HIS C 170 36.37 9.10 -4.75
C HIS C 170 34.97 9.42 -5.29
N SER C 171 33.96 8.95 -4.56
CA SER C 171 32.53 9.04 -4.79
C SER C 171 32.04 8.38 -6.08
N TYR C 172 32.68 7.26 -6.46
CA TYR C 172 32.26 6.44 -7.59
C TYR C 172 32.82 5.04 -7.36
N ALA C 173 33.74 4.95 -6.41
CA ALA C 173 34.38 3.72 -5.98
C ALA C 173 35.02 2.94 -7.11
N GLY C 174 35.65 3.64 -8.02
CA GLY C 174 36.34 3.02 -9.14
C GLY C 174 35.43 2.79 -10.33
N ASP C 175 34.13 3.04 -10.20
CA ASP C 175 33.22 2.82 -11.30
C ASP C 175 33.20 4.05 -12.21
N ALA C 176 33.86 3.96 -13.36
CA ALA C 176 33.97 5.09 -14.27
C ALA C 176 34.64 6.33 -13.65
N ALA C 177 33.84 7.34 -13.32
CA ALA C 177 34.30 8.61 -12.79
C ALA C 177 33.20 9.21 -11.93
N ASN C 178 33.49 10.33 -11.26
CA ASN C 178 32.51 10.89 -10.33
C ASN C 178 31.39 11.66 -11.04
N HIS C 179 30.53 10.89 -11.69
CA HIS C 179 29.38 11.31 -12.44
C HIS C 179 28.14 11.18 -11.57
N CYS C 180 27.06 11.93 -11.91
CA CYS C 180 25.77 11.87 -11.22
C CYS C 180 25.05 10.56 -11.55
N GLY C 181 24.27 10.05 -10.59
CA GLY C 181 23.54 8.79 -10.75
C GLY C 181 24.39 7.52 -10.56
N THR C 182 25.50 7.62 -9.82
CA THR C 182 26.41 6.49 -9.57
C THR C 182 26.21 5.81 -8.21
N VAL C 183 27.13 4.91 -7.86
CA VAL C 183 27.03 4.13 -6.61
C VAL C 183 27.00 4.99 -5.38
N ALA C 184 27.75 6.09 -5.39
CA ALA C 184 27.78 6.99 -4.27
C ALA C 184 26.45 7.61 -4.08
N ASN C 185 25.76 7.88 -5.17
CA ASN C 185 24.48 8.49 -5.08
C ASN C 185 23.50 7.49 -4.50
N GLY C 186 23.60 6.25 -4.94
CA GLY C 186 22.68 5.25 -4.45
C GLY C 186 22.81 5.07 -2.94
N VAL C 187 24.04 4.88 -2.47
CA VAL C 187 24.24 4.64 -1.07
C VAL C 187 23.90 5.88 -0.26
N LEU C 188 24.31 7.05 -0.73
CA LEU C 188 24.02 8.25 0.01
C LEU C 188 22.53 8.52 0.06
N GLN C 189 21.75 8.26 -0.98
CA GLN C 189 20.34 8.56 -0.79
C GLN C 189 19.76 7.73 0.36
N THR C 190 20.15 6.47 0.49
CA THR C 190 19.59 5.70 1.59
C THR C 190 20.07 6.28 2.91
N PHE C 191 21.35 6.64 2.98
CA PHE C 191 21.93 7.23 4.18
C PHE C 191 21.18 8.47 4.60
N MET C 192 20.92 9.35 3.64
CA MET C 192 20.26 10.60 3.90
C MET C 192 18.87 10.38 4.48
N ARG C 193 18.19 9.30 4.05
CA ARG C 193 16.87 8.99 4.56
C ARG C 193 16.95 8.33 5.95
N MET C 194 17.91 7.45 6.16
CA MET C 194 18.02 6.78 7.45
C MET C 194 18.31 7.80 8.54
N ALA C 195 19.08 8.82 8.19
CA ALA C 195 19.39 9.91 9.17
C ALA C 195 18.65 11.17 8.74
N TRP C 196 17.38 11.04 8.34
CA TRP C 196 16.62 12.21 7.82
C TRP C 196 16.55 13.30 8.90
N GLY C 197 16.34 12.90 10.16
CA GLY C 197 16.32 13.87 11.26
C GLY C 197 17.76 14.35 11.12
N GLY C 198 17.96 15.59 10.67
CA GLY C 198 19.31 16.15 10.56
C GLY C 198 20.35 15.95 9.44
N SER C 199 20.22 14.92 8.59
CA SER C 199 21.19 14.62 7.53
C SER C 199 21.41 15.70 6.49
N TYR C 200 20.51 16.66 6.40
CA TYR C 200 20.63 17.72 5.40
C TYR C 200 21.97 18.44 5.51
N ILE C 201 22.61 18.40 6.68
CA ILE C 201 23.89 19.15 6.88
C ILE C 201 24.97 18.52 6.00
N ALA C 202 24.78 17.27 5.58
CA ALA C 202 25.73 16.55 4.75
C ALA C 202 25.88 17.13 3.36
N LEU C 203 24.84 17.76 2.79
CA LEU C 203 24.93 18.19 1.40
C LEU C 203 24.76 19.69 1.22
N ASP C 204 25.64 20.29 0.43
CA ASP C 204 25.51 21.72 0.18
C ASP C 204 24.64 22.05 -1.04
N SER C 205 24.67 21.20 -2.06
CA SER C 205 23.96 21.45 -3.32
C SER C 205 22.93 20.41 -3.76
N GLY C 206 22.87 19.27 -3.06
CA GLY C 206 22.05 18.12 -3.46
C GLY C 206 20.55 18.36 -3.68
N CYS C 207 19.95 19.34 -2.97
CA CYS C 207 18.52 19.69 -3.07
C CYS C 207 18.17 20.10 -4.52
N GLY C 208 19.08 20.78 -5.22
CA GLY C 208 18.75 21.23 -6.56
C GLY C 208 18.81 20.12 -7.63
N ASN C 209 19.40 18.96 -7.30
CA ASN C 209 19.52 17.84 -8.22
C ASN C 209 19.78 16.57 -7.43
N TRP C 210 18.74 15.80 -7.20
CA TRP C 210 18.80 14.64 -6.34
C TRP C 210 19.76 13.55 -6.82
N ASP C 211 20.06 13.51 -8.11
CA ASP C 211 20.98 12.48 -8.63
C ASP C 211 22.48 12.83 -8.48
N CYS C 212 22.81 14.07 -8.02
CA CYS C 212 24.15 14.61 -7.90
C CYS C 212 24.51 14.72 -6.44
N ILE C 213 23.88 13.89 -5.62
CA ILE C 213 24.27 13.87 -4.25
C ILE C 213 25.58 13.20 -4.24
N MET C 214 26.55 13.89 -3.71
CA MET C 214 27.90 13.45 -3.59
C MET C 214 28.44 14.01 -2.31
N THR C 215 29.32 13.29 -1.69
CA THR C 215 30.04 13.77 -0.53
C THR C 215 31.49 13.55 -0.80
N SER C 216 32.33 14.14 0.01
CA SER C 216 33.75 13.92 -0.16
C SER C 216 34.26 12.67 0.55
N TYR C 217 33.53 12.16 1.54
CA TYR C 217 34.04 11.02 2.27
C TYR C 217 34.08 9.74 1.48
N GLN C 218 35.16 9.01 1.67
CA GLN C 218 35.39 7.74 1.02
C GLN C 218 34.52 6.57 1.50
N TYR C 219 34.23 6.50 2.78
CA TYR C 219 33.48 5.34 3.24
C TYR C 219 32.32 5.63 4.14
N LEU C 220 31.28 4.84 3.96
CA LEU C 220 30.19 4.82 4.91
C LEU C 220 30.37 3.64 5.80
N ILE C 221 30.54 3.91 7.06
CA ILE C 221 30.80 2.86 8.01
C ILE C 221 29.69 2.63 8.98
N ILE C 222 29.25 1.39 9.09
CA ILE C 222 28.24 1.06 10.04
C ILE C 222 28.81 0.12 11.09
N GLN C 223 28.82 0.57 12.32
CA GLN C 223 29.32 -0.24 13.42
C GLN C 223 28.34 -0.20 14.56
N ASN C 224 28.31 -1.25 15.41
CA ASN C 224 27.47 -1.25 16.61
C ASN C 224 28.25 -0.60 17.76
N THR C 225 27.52 0.12 18.60
CA THR C 225 27.99 0.79 19.79
C THR C 225 27.04 0.58 20.92
N THR C 226 27.35 1.18 22.04
CA THR C 226 26.48 1.06 23.19
C THR C 226 25.60 2.28 23.25
N TRP C 227 24.53 2.22 24.01
CA TRP C 227 23.74 3.42 24.12
C TRP C 227 24.48 4.38 24.99
N GLU C 228 24.52 5.62 24.55
CA GLU C 228 25.09 6.74 25.24
C GLU C 228 24.22 7.88 24.83
N ASP C 229 24.20 8.96 25.56
CA ASP C 229 23.37 10.05 25.06
C ASP C 229 24.14 10.78 23.97
N HIS C 230 24.13 10.16 22.80
CA HIS C 230 24.88 10.58 21.62
C HIS C 230 24.28 11.76 20.82
N CYS C 231 22.95 11.89 20.84
CA CYS C 231 22.19 12.80 20.01
C CYS C 231 22.31 14.27 20.41
N GLN C 232 22.51 15.10 19.38
CA GLN C 232 22.57 16.57 19.58
C GLN C 232 22.24 17.18 18.22
N PHE C 233 21.87 18.46 18.17
CA PHE C 233 21.66 19.11 16.84
C PHE C 233 20.27 18.72 16.32
N SER C 234 19.52 17.91 17.07
CA SER C 234 18.19 17.41 16.59
C SER C 234 17.47 16.59 17.66
N ARG C 235 16.23 16.15 17.38
CA ARG C 235 15.46 15.37 18.31
C ARG C 235 15.37 13.96 17.71
N PRO C 236 15.66 12.90 18.46
CA PRO C 236 15.58 11.55 17.96
C PRO C 236 14.21 11.32 17.39
N SER C 237 14.16 10.62 16.27
CA SER C 237 12.92 10.35 15.60
C SER C 237 12.94 9.05 14.82
N PRO C 238 11.86 8.27 14.84
CA PRO C 238 11.72 7.04 14.11
C PRO C 238 11.37 7.29 12.64
N ILE C 239 11.14 8.52 12.22
CA ILE C 239 10.62 8.73 10.87
C ILE C 239 11.54 8.23 9.78
N GLY C 240 12.84 8.43 9.88
CA GLY C 240 13.72 7.97 8.80
C GLY C 240 13.51 6.47 8.59
N TYR C 241 13.65 5.71 9.66
CA TYR C 241 13.51 4.28 9.63
C TYR C 241 12.14 3.84 9.11
N LEU C 242 11.09 4.48 9.61
CA LEU C 242 9.75 4.09 9.20
C LEU C 242 9.55 4.33 7.72
N GLY C 243 10.11 5.43 7.24
CA GLY C 243 10.03 5.78 5.84
C GLY C 243 10.73 4.74 4.97
N LEU C 244 11.81 4.14 5.47
CA LEU C 244 12.51 3.11 4.74
C LEU C 244 11.76 1.80 4.79
N LEU C 245 11.10 1.50 5.90
CA LEU C 245 10.38 0.24 5.94
C LEU C 245 9.30 0.21 4.89
N SER C 246 8.58 1.32 4.75
CA SER C 246 7.52 1.38 3.76
C SER C 246 8.09 1.80 2.42
N GLN C 247 9.03 1.02 1.92
CA GLN C 247 9.67 1.35 0.66
C GLN C 247 8.75 1.23 -0.52
N ARG C 248 7.88 0.21 -0.49
CA ARG C 248 6.89 -0.08 -1.54
C ARG C 248 7.49 -0.49 -2.90
N THR C 249 8.26 0.41 -3.50
CA THR C 249 8.88 0.17 -4.80
C THR C 249 10.38 -0.02 -4.65
N ARG C 250 10.87 -1.13 -5.17
CA ARG C 250 12.29 -1.41 -5.07
C ARG C 250 12.99 -1.18 -6.41
N ASP C 251 14.05 -0.38 -6.38
CA ASP C 251 14.80 -0.07 -7.59
C ASP C 251 15.82 -1.16 -7.87
N ILE C 252 15.37 -2.27 -8.45
CA ILE C 252 16.30 -3.42 -8.63
C ILE C 252 16.53 -3.73 -10.12
N TYR C 253 17.79 -3.68 -10.57
CA TYR C 253 18.12 -4.08 -11.96
C TYR C 253 18.05 -5.60 -12.09
N ILE C 254 17.84 -6.11 -13.31
CA ILE C 254 17.80 -7.59 -13.53
C ILE C 254 19.20 -8.17 -13.26
N SER C 255 19.30 -9.09 -12.29
CA SER C 255 20.59 -9.72 -11.94
C SER C 255 21.85 -9.00 -12.47
N GLY D 1 -14.51 3.34 23.48
CA GLY D 1 -13.66 3.76 22.39
C GLY D 1 -14.47 4.54 21.34
N THR D 2 -14.26 5.88 21.25
CA THR D 2 -14.90 6.79 20.30
C THR D 2 -13.93 7.08 19.17
N PHE D 3 -12.76 6.49 19.31
CA PHE D 3 -11.67 6.64 18.38
C PHE D 3 -11.38 5.36 17.62
N THR D 4 -11.66 5.36 16.34
CA THR D 4 -11.44 4.17 15.54
C THR D 4 -9.98 4.13 15.17
N TRP D 5 -9.32 5.27 15.37
CA TRP D 5 -7.90 5.34 15.12
C TRP D 5 -7.07 4.58 16.19
N THR D 6 -7.66 4.26 17.36
CA THR D 6 -6.86 3.59 18.40
C THR D 6 -6.95 2.08 18.32
N LEU D 7 -6.03 1.41 19.00
CA LEU D 7 -6.12 -0.04 19.04
C LEU D 7 -6.92 -0.51 20.24
N SER D 8 -6.87 0.25 21.32
CA SER D 8 -7.55 -0.11 22.55
C SER D 8 -9.04 -0.05 22.42
N ASP D 9 -9.74 -0.98 23.04
CA ASP D 9 -11.19 -0.98 23.06
C ASP D 9 -11.75 -0.30 24.31
N SER D 10 -10.84 0.21 25.14
CA SER D 10 -11.14 0.89 26.40
C SER D 10 -10.80 2.36 26.32
N GLU D 11 -10.52 2.83 25.12
CA GLU D 11 -10.11 4.21 24.90
C GLU D 11 -11.14 5.23 25.39
N GLY D 12 -12.42 4.92 25.30
CA GLY D 12 -13.45 5.86 25.69
C GLY D 12 -13.73 5.88 27.19
N LYS D 13 -13.04 5.04 27.98
CA LYS D 13 -13.33 5.03 29.41
C LYS D 13 -12.45 6.09 30.08
N ASP D 14 -12.72 7.34 29.74
CA ASP D 14 -11.98 8.53 30.13
C ASP D 14 -12.90 9.73 30.00
N THR D 15 -12.39 10.92 30.31
CA THR D 15 -13.17 12.14 30.15
C THR D 15 -13.90 12.04 28.81
N PRO D 16 -15.23 11.94 28.79
CA PRO D 16 -16.03 11.78 27.59
C PRO D 16 -15.78 12.79 26.48
N GLY D 17 -15.42 14.01 26.86
CA GLY D 17 -15.19 15.05 25.88
C GLY D 17 -13.74 15.33 25.54
N GLY D 18 -12.77 14.57 26.05
CA GLY D 18 -11.40 14.94 25.74
C GLY D 18 -10.41 13.79 25.74
N TYR D 19 -9.37 13.98 24.98
CA TYR D 19 -8.25 13.06 24.94
C TYR D 19 -7.02 13.80 25.42
N CYS D 20 -6.31 13.22 26.42
CA CYS D 20 -5.15 13.87 27.03
C CYS D 20 -3.85 13.19 26.64
N LEU D 21 -2.89 14.05 26.40
CA LEU D 21 -1.53 13.70 26.12
C LEU D 21 -0.76 13.87 27.41
N THR D 22 -0.19 12.77 27.89
CA THR D 22 0.54 12.78 29.13
C THR D 22 1.77 13.62 29.08
N ARG D 23 2.19 14.09 30.24
CA ARG D 23 3.38 14.91 30.33
C ARG D 23 4.58 14.18 29.81
N TRP D 24 4.55 12.87 29.89
CA TRP D 24 5.68 12.09 29.50
C TRP D 24 5.90 12.07 28.00
N MET D 25 4.89 12.34 27.20
CA MET D 25 5.07 12.28 25.77
C MET D 25 5.28 13.64 25.17
N LEU D 26 5.37 14.67 25.99
CA LEU D 26 5.48 16.02 25.49
C LEU D 26 6.77 16.66 25.94
N ILE D 27 7.23 17.65 25.20
CA ILE D 27 8.43 18.33 25.65
C ILE D 27 8.06 19.60 26.40
N GLU D 28 8.30 19.57 27.71
CA GLU D 28 8.02 20.68 28.62
C GLU D 28 6.61 21.22 28.48
N ALA D 29 5.64 20.34 28.31
CA ALA D 29 4.26 20.79 28.14
C ALA D 29 3.41 20.62 29.37
N GLU D 30 3.81 19.72 30.26
CA GLU D 30 3.08 19.34 31.47
C GLU D 30 1.78 18.59 31.15
N LEU D 31 0.84 19.22 30.48
CA LEU D 31 -0.40 18.52 30.12
C LEU D 31 -1.14 19.14 28.96
N LYS D 32 -1.48 18.35 27.97
CA LYS D 32 -2.27 18.90 26.88
C LYS D 32 -3.47 18.00 26.60
N CYS D 33 -4.70 18.56 26.67
CA CYS D 33 -5.95 17.84 26.42
C CYS D 33 -6.69 18.52 25.30
N PHE D 34 -7.04 17.71 24.32
CA PHE D 34 -7.74 18.17 23.15
C PHE D 34 -9.13 17.61 23.13
N GLY D 35 -10.08 18.39 22.67
CA GLY D 35 -11.44 17.89 22.69
C GLY D 35 -11.58 16.70 21.77
N ASN D 36 -12.44 15.76 22.17
CA ASN D 36 -12.68 14.56 21.40
C ASN D 36 -13.30 14.90 20.08
N THR D 37 -14.01 16.02 20.00
CA THR D 37 -14.58 16.44 18.77
C THR D 37 -13.50 16.58 17.70
N ALA D 38 -12.35 17.15 18.07
CA ALA D 38 -11.29 17.34 17.10
C ALA D 38 -10.43 16.10 16.98
N VAL D 39 -10.19 15.42 18.09
CA VAL D 39 -9.29 14.28 18.04
C VAL D 39 -9.88 13.17 17.20
N ALA D 40 -11.18 12.95 17.37
CA ALA D 40 -11.92 11.94 16.66
C ALA D 40 -11.92 12.17 15.16
N LYS D 41 -11.58 13.37 14.71
CA LYS D 41 -11.61 13.59 13.28
C LYS D 41 -10.75 12.60 12.50
N CYS D 42 -9.58 12.16 13.06
CA CYS D 42 -8.65 11.28 12.37
C CYS D 42 -9.06 9.82 12.47
N ASN D 43 -10.32 9.61 12.88
CA ASN D 43 -10.90 8.30 12.73
C ASN D 43 -11.02 8.08 11.22
N GLU D 44 -11.21 9.17 10.48
CA GLU D 44 -11.31 9.12 9.04
C GLU D 44 -9.90 9.44 8.55
N LYS D 45 -9.53 8.98 7.38
CA LYS D 45 -8.19 9.34 6.93
C LYS D 45 -8.19 10.67 6.23
N HIS D 46 -7.50 11.66 6.81
CA HIS D 46 -7.47 12.99 6.22
C HIS D 46 -6.05 13.40 5.88
N ASP D 47 -5.14 12.44 5.92
CA ASP D 47 -3.74 12.71 5.69
C ASP D 47 -3.31 13.86 6.62
N GLU D 48 -3.73 13.76 7.87
CA GLU D 48 -3.52 14.73 8.94
C GLU D 48 -2.13 14.92 9.55
N GLU D 49 -1.21 13.95 9.42
CA GLU D 49 0.15 14.01 9.99
C GLU D 49 0.19 13.91 11.52
N PHE D 50 -0.51 14.77 12.21
CA PHE D 50 -0.49 14.72 13.66
C PHE D 50 -0.90 13.37 14.26
N CYS D 51 -2.01 12.77 13.79
CA CYS D 51 -2.52 11.50 14.33
C CYS D 51 -1.66 10.31 13.93
N ASP D 52 -0.63 10.51 13.12
CA ASP D 52 0.21 9.37 12.84
C ASP D 52 1.07 9.21 14.05
N MET D 53 1.37 10.32 14.72
CA MET D 53 2.17 10.20 15.89
C MET D 53 1.27 9.70 16.98
N LEU D 54 0.00 10.11 16.97
CA LEU D 54 -0.84 9.62 18.05
C LEU D 54 -1.01 8.14 17.94
N ARG D 55 -1.12 7.63 16.71
CA ARG D 55 -1.24 6.19 16.56
C ARG D 55 0.02 5.50 17.04
N LEU D 56 1.21 6.05 16.78
CA LEU D 56 2.41 5.43 17.32
C LEU D 56 2.47 5.50 18.81
N PHE D 57 2.03 6.60 19.41
CA PHE D 57 2.06 6.68 20.86
C PHE D 57 1.06 5.69 21.46
N ASP D 58 -0.11 5.53 20.83
CA ASP D 58 -1.11 4.60 21.32
C ASP D 58 -0.57 3.19 21.21
N PHE D 59 0.04 2.87 20.09
CA PHE D 59 0.63 1.55 19.91
C PHE D 59 1.68 1.31 20.94
N ASN D 60 2.57 2.28 21.09
CA ASN D 60 3.67 2.14 22.00
C ASN D 60 3.16 1.81 23.35
N LYS D 61 2.16 2.54 23.82
CA LYS D 61 1.64 2.25 25.13
C LYS D 61 1.02 0.86 25.22
N GLN D 62 0.21 0.47 24.24
CA GLN D 62 -0.46 -0.83 24.32
C GLN D 62 0.53 -1.97 24.30
N ALA D 63 1.61 -1.80 23.55
CA ALA D 63 2.66 -2.79 23.38
C ALA D 63 3.49 -2.97 24.65
N ILE D 64 3.38 -2.02 25.58
CA ILE D 64 4.13 -2.06 26.80
C ILE D 64 3.25 -2.54 27.93
N GLN D 65 2.02 -2.03 28.01
CA GLN D 65 1.14 -2.39 29.10
C GLN D 65 0.45 -3.74 28.98
N ARG D 66 0.17 -4.21 27.76
CA ARG D 66 -0.57 -5.46 27.64
C ARG D 66 0.32 -6.69 27.49
N LEU D 67 1.52 -6.49 26.98
CA LEU D 67 2.46 -7.58 26.74
C LEU D 67 3.57 -7.58 27.73
N LYS D 68 4.13 -8.74 28.01
CA LYS D 68 5.32 -8.68 28.84
C LYS D 68 6.33 -7.99 27.98
N ALA D 69 7.00 -6.98 28.49
CA ALA D 69 7.96 -6.35 27.61
C ALA D 69 8.98 -7.43 27.25
N PRO D 70 9.25 -7.70 25.95
CA PRO D 70 10.20 -8.68 25.51
C PRO D 70 11.62 -8.24 25.80
N ALA D 71 11.76 -6.92 25.97
CA ALA D 71 13.02 -6.22 26.20
C ALA D 71 14.03 -6.40 25.07
N GLN D 72 13.56 -6.86 23.91
CA GLN D 72 14.42 -7.09 22.77
C GLN D 72 13.92 -6.42 21.50
N MET D 73 13.23 -5.29 21.64
CA MET D 73 12.67 -4.47 20.54
C MET D 73 11.51 -5.07 19.76
N SER D 74 11.66 -6.31 19.35
CA SER D 74 10.65 -6.96 18.54
C SER D 74 10.40 -6.12 17.31
N ILE D 75 11.44 -5.92 16.52
CA ILE D 75 11.37 -5.11 15.32
C ILE D 75 10.33 -5.73 14.41
N GLN D 76 10.27 -7.03 14.37
CA GLN D 76 9.31 -7.76 13.58
C GLN D 76 7.85 -7.43 13.97
N LEU D 77 7.63 -6.87 15.18
CA LEU D 77 6.30 -6.47 15.59
C LEU D 77 6.07 -5.04 15.16
N ILE D 78 7.09 -4.18 15.31
CA ILE D 78 6.86 -2.79 14.94
C ILE D 78 6.60 -2.76 13.45
N ASN D 79 7.22 -3.66 12.71
CA ASN D 79 6.99 -3.64 11.28
C ASN D 79 5.52 -3.83 10.93
N LYS D 80 4.76 -4.57 11.73
CA LYS D 80 3.38 -4.76 11.38
C LYS D 80 2.61 -3.53 11.83
N ALA D 81 3.02 -2.94 12.94
CA ALA D 81 2.37 -1.74 13.46
C ALA D 81 2.50 -0.62 12.45
N VAL D 82 3.63 -0.55 11.79
CA VAL D 82 3.87 0.48 10.81
C VAL D 82 2.98 0.33 9.64
N ASN D 83 2.87 -0.87 9.15
CA ASN D 83 2.03 -1.05 8.00
C ASN D 83 0.56 -0.84 8.32
N ALA D 84 0.14 -1.14 9.55
CA ALA D 84 -1.23 -0.93 9.94
C ALA D 84 -1.58 0.51 10.31
N LEU D 85 -0.65 1.22 10.96
CA LEU D 85 -0.92 2.54 11.50
C LEU D 85 -0.41 3.75 10.70
N ILE D 86 0.65 3.61 9.93
CA ILE D 86 1.24 4.76 9.27
C ILE D 86 0.79 5.12 7.88
N ASN D 87 0.55 6.42 7.71
CA ASN D 87 0.21 6.95 6.42
C ASN D 87 1.50 7.13 5.65
N ASP D 88 1.68 6.29 4.65
CA ASP D 88 2.93 6.23 3.93
C ASP D 88 3.00 7.33 2.92
N GLN D 89 1.86 7.75 2.42
CA GLN D 89 1.89 8.79 1.44
C GLN D 89 2.34 10.05 2.10
N LEU D 90 1.95 10.28 3.34
CA LEU D 90 2.45 11.48 3.97
C LEU D 90 3.94 11.47 4.19
N ILE D 91 4.50 10.33 4.59
CA ILE D 91 5.93 10.36 4.78
C ILE D 91 6.61 10.59 3.46
N MET D 92 6.16 9.90 2.42
CA MET D 92 6.76 10.07 1.14
C MET D 92 6.60 11.48 0.61
N LYS D 93 5.45 12.11 0.83
CA LYS D 93 5.27 13.48 0.37
C LYS D 93 6.19 14.42 1.10
N ASN D 94 6.39 14.22 2.40
CA ASN D 94 7.28 15.12 3.09
C ASN D 94 8.69 14.91 2.61
N HIS D 95 9.04 13.66 2.28
CA HIS D 95 10.34 13.38 1.72
C HIS D 95 10.48 14.08 0.39
N LEU D 96 9.47 13.97 -0.49
CA LEU D 96 9.57 14.61 -1.77
C LEU D 96 9.65 16.10 -1.62
N ARG D 97 8.89 16.68 -0.71
CA ARG D 97 8.97 18.12 -0.57
C ARG D 97 10.37 18.52 -0.13
N ASP D 98 10.95 17.73 0.76
CA ASP D 98 12.27 18.05 1.24
C ASP D 98 13.24 18.03 0.08
N ILE D 99 13.26 16.94 -0.69
CA ILE D 99 14.24 16.85 -1.76
C ILE D 99 13.93 17.79 -2.91
N MET D 100 12.67 18.18 -3.08
CA MET D 100 12.28 19.15 -4.10
C MET D 100 12.39 20.65 -3.68
N CYS D 101 12.96 20.94 -2.46
CA CYS D 101 13.19 22.25 -1.85
C CYS D 101 11.87 22.98 -1.55
N ILE D 102 10.86 22.24 -1.12
CA ILE D 102 9.54 22.71 -0.76
C ILE D 102 9.41 22.52 0.75
N PRO D 103 8.90 23.47 1.53
CA PRO D 103 8.72 23.32 2.96
C PRO D 103 7.97 22.05 3.28
N TYR D 104 8.37 21.39 4.36
CA TYR D 104 7.80 20.08 4.71
C TYR D 104 7.68 19.84 6.20
N CYS D 105 6.90 18.79 6.59
CA CYS D 105 6.68 18.42 7.99
C CYS D 105 7.93 17.83 8.62
N ASN D 106 8.26 18.40 9.76
CA ASN D 106 9.38 18.04 10.62
C ASN D 106 9.08 16.82 11.52
N TYR D 107 7.77 16.54 11.81
CA TYR D 107 7.24 15.54 12.75
C TYR D 107 7.71 15.74 14.17
N SER D 108 7.72 16.99 14.59
CA SER D 108 8.14 17.37 15.92
C SER D 108 7.25 18.47 16.47
N LYS D 109 7.26 19.61 15.79
CA LYS D 109 6.50 20.77 16.21
C LYS D 109 5.19 20.84 15.47
N TYR D 110 4.15 21.09 16.22
CA TYR D 110 2.79 21.21 15.74
C TYR D 110 2.15 22.48 16.25
N TRP D 111 1.14 22.99 15.55
CA TRP D 111 0.42 24.15 16.03
C TRP D 111 -1.05 23.93 15.96
N TYR D 112 -1.75 24.65 16.80
CA TYR D 112 -3.19 24.56 16.86
C TYR D 112 -3.77 25.86 17.31
N LEU D 113 -5.05 26.03 17.06
CA LEU D 113 -5.70 27.21 17.60
C LEU D 113 -6.46 26.86 18.85
N ASN D 114 -6.39 27.76 19.84
CA ASN D 114 -7.00 27.65 21.16
C ASN D 114 -7.92 28.84 21.42
N HIS D 115 -9.25 28.60 21.53
CA HIS D 115 -10.24 29.66 21.73
C HIS D 115 -10.03 30.26 23.11
N THR D 116 -9.98 31.57 23.16
CA THR D 116 -9.59 32.21 24.39
C THR D 116 -10.62 32.20 25.50
N THR D 117 -11.89 31.94 25.22
CA THR D 117 -12.80 31.93 26.34
C THR D 117 -13.42 30.56 26.51
N THR D 118 -13.40 29.73 25.47
CA THR D 118 -14.06 28.43 25.65
C THR D 118 -13.09 27.31 25.94
N GLY D 119 -11.82 27.49 25.59
CA GLY D 119 -10.84 26.43 25.81
C GLY D 119 -10.89 25.38 24.71
N ARG D 120 -11.72 25.60 23.70
CA ARG D 120 -11.82 24.63 22.63
C ARG D 120 -10.65 24.77 21.68
N THR D 121 -10.08 23.64 21.27
CA THR D 121 -8.95 23.67 20.35
C THR D 121 -9.17 22.87 19.08
N SER D 122 -8.38 23.22 18.07
CA SER D 122 -8.35 22.50 16.80
C SER D 122 -7.46 21.30 16.90
N LEU D 123 -7.56 20.42 15.92
CA LEU D 123 -6.60 19.35 15.88
C LEU D 123 -5.33 20.09 15.47
N PRO D 124 -4.13 19.75 15.98
CA PRO D 124 -2.86 20.29 15.56
C PRO D 124 -2.49 19.97 14.14
N LYS D 125 -1.71 20.87 13.55
CA LYS D 125 -1.17 20.75 12.21
C LYS D 125 0.35 20.81 12.33
N CYS D 126 1.10 20.14 11.45
CA CYS D 126 2.57 20.11 11.51
C CYS D 126 3.20 21.46 11.10
N TRP D 127 4.14 21.93 11.91
CA TRP D 127 4.86 23.15 11.61
C TRP D 127 5.91 22.77 10.59
N LEU D 128 6.00 23.53 9.53
CA LEU D 128 6.92 23.25 8.45
C LEU D 128 8.30 23.82 8.62
N VAL D 129 9.25 23.14 8.01
CA VAL D 129 10.63 23.55 7.96
C VAL D 129 11.18 23.64 6.57
N SER D 130 12.27 24.38 6.41
CA SER D 130 12.90 24.55 5.08
C SER D 130 14.36 24.98 5.25
N ASN D 131 15.30 24.15 4.80
CA ASN D 131 16.75 24.51 4.88
C ASN D 131 17.18 24.60 6.34
N GLY D 132 17.04 23.52 7.11
CA GLY D 132 17.55 23.52 8.49
C GLY D 132 16.75 24.30 9.52
N SER D 133 15.77 25.10 9.14
CA SER D 133 15.04 25.79 10.20
C SER D 133 13.55 25.85 10.02
N TYR D 134 12.88 26.46 10.98
CA TYR D 134 11.44 26.57 10.93
C TYR D 134 10.98 27.72 10.09
N LEU D 135 9.88 27.52 9.42
CA LEU D 135 9.31 28.63 8.70
C LEU D 135 8.77 29.64 9.68
N ASN D 136 8.88 30.94 9.32
CA ASN D 136 8.35 32.06 10.08
C ASN D 136 6.81 32.04 10.05
N GLU D 137 6.20 32.64 11.10
CA GLU D 137 4.76 32.68 11.36
C GLU D 137 3.95 33.33 10.26
N THR D 138 4.56 34.29 9.59
CA THR D 138 3.88 34.98 8.52
C THR D 138 3.52 34.04 7.38
N HIS D 139 4.28 32.98 7.19
CA HIS D 139 4.04 32.12 6.06
C HIS D 139 2.94 31.14 6.33
N PHE D 140 2.46 31.14 7.56
CA PHE D 140 1.38 30.26 7.94
C PHE D 140 0.13 31.08 8.10
N SER D 141 0.18 32.37 7.78
CA SER D 141 -0.98 33.20 8.02
C SER D 141 -2.20 32.67 7.33
N ASP D 142 -2.04 32.22 6.10
CA ASP D 142 -3.18 31.74 5.34
C ASP D 142 -3.74 30.46 5.95
N ASP D 143 -2.86 29.62 6.47
CA ASP D 143 -3.29 28.35 7.02
C ASP D 143 -3.97 28.56 8.34
N ILE D 144 -3.46 29.51 9.09
CA ILE D 144 -3.98 29.77 10.40
C ILE D 144 -5.32 30.43 10.26
N GLU D 145 -5.42 31.40 9.37
CA GLU D 145 -6.69 32.06 9.17
C GLU D 145 -7.73 31.05 8.71
N GLN D 146 -7.36 30.13 7.82
CA GLN D 146 -8.36 29.17 7.39
C GLN D 146 -8.75 28.28 8.53
N GLN D 147 -7.81 27.88 9.38
CA GLN D 147 -8.16 27.01 10.47
C GLN D 147 -9.07 27.73 11.43
N ALA D 148 -8.83 29.02 11.63
CA ALA D 148 -9.66 29.82 12.50
C ALA D 148 -11.06 29.93 11.94
N ASP D 149 -11.19 30.02 10.61
CA ASP D 149 -12.52 30.13 10.01
C ASP D 149 -13.21 28.79 10.09
N ASN D 150 -12.45 27.72 10.02
CA ASN D 150 -13.07 26.44 10.09
C ASN D 150 -13.64 26.26 11.49
N MET D 151 -12.89 26.69 12.52
CA MET D 151 -13.41 26.55 13.87
C MET D 151 -14.61 27.44 14.12
N ILE D 152 -14.59 28.64 13.56
CA ILE D 152 -15.71 29.53 13.76
C ILE D 152 -16.91 28.95 13.10
N THR D 153 -16.74 28.43 11.89
CA THR D 153 -17.84 27.85 11.19
C THR D 153 -18.43 26.72 11.99
N GLU D 154 -17.59 25.85 12.53
CA GLU D 154 -18.11 24.72 13.30
C GLU D 154 -18.87 25.18 14.52
N MET D 155 -18.38 26.20 15.22
CA MET D 155 -19.09 26.67 16.39
C MET D 155 -20.45 27.18 16.01
N LEU D 156 -20.50 27.95 14.93
CA LEU D 156 -21.77 28.51 14.52
C LEU D 156 -22.73 27.46 14.02
N GLN D 157 -22.24 26.46 13.29
CA GLN D 157 -23.12 25.43 12.79
C GLN D 157 -23.63 24.56 13.91
N LYS D 158 -22.79 24.33 14.91
CA LYS D 158 -23.22 23.56 16.04
C LYS D 158 -24.34 24.29 16.75
N GLU D 159 -24.16 25.60 16.98
CA GLU D 159 -25.16 26.37 17.68
C GLU D 159 -26.45 26.44 16.89
N TYR D 160 -26.31 26.57 15.58
CA TYR D 160 -27.45 26.63 14.70
C TYR D 160 -28.27 25.38 14.83
N MET D 161 -27.62 24.22 14.72
CA MET D 161 -28.38 23.01 14.84
C MET D 161 -28.87 22.71 16.23
N GLU D 162 -28.19 23.16 17.27
CA GLU D 162 -28.76 22.91 18.58
C GLU D 162 -30.11 23.60 18.67
N ARG D 163 -30.20 24.82 18.13
CA ARG D 163 -31.46 25.55 18.15
C ARG D 163 -32.50 24.95 17.20
N GLN D 164 -32.04 24.50 16.03
CA GLN D 164 -32.93 23.97 14.99
C GLN D 164 -33.34 22.49 15.02
N GLY D 165 -32.49 21.61 15.59
CA GLY D 165 -32.68 20.18 15.67
C GLY D 165 -31.37 19.51 16.03
N THR E 59 -24.91 19.55 -27.11
CA THR E 59 -25.29 18.26 -26.55
C THR E 59 -26.47 18.40 -25.57
N SER E 60 -26.72 17.31 -24.79
CA SER E 60 -27.79 17.18 -23.82
C SER E 60 -27.69 18.11 -22.63
N LEU E 61 -28.85 18.59 -22.23
CA LEU E 61 -29.04 19.46 -21.10
C LEU E 61 -29.61 18.67 -19.94
N TYR E 62 -28.92 18.65 -18.84
CA TYR E 62 -29.35 17.86 -17.71
C TYR E 62 -30.05 18.72 -16.69
N LYS E 63 -31.22 18.24 -16.26
CA LYS E 63 -32.08 18.89 -15.28
C LYS E 63 -32.55 20.25 -15.74
N GLY E 64 -32.36 20.55 -17.00
CA GLY E 64 -32.76 21.81 -17.56
C GLY E 64 -31.71 22.90 -17.34
N VAL E 65 -30.63 22.62 -16.59
CA VAL E 65 -29.63 23.67 -16.34
C VAL E 65 -28.17 23.32 -16.60
N TYR E 66 -27.81 22.05 -16.85
CA TYR E 66 -26.40 21.77 -17.05
C TYR E 66 -26.07 21.25 -18.42
N GLU E 67 -25.04 21.80 -19.00
CA GLU E 67 -24.62 21.32 -20.29
C GLU E 67 -23.55 20.29 -20.06
N LEU E 68 -23.67 19.16 -20.71
CA LEU E 68 -22.61 18.20 -20.55
C LEU E 68 -21.42 18.66 -21.34
N GLN E 69 -20.26 18.66 -20.71
CA GLN E 69 -19.06 19.05 -21.43
C GLN E 69 -17.96 18.04 -21.22
N THR E 70 -17.05 17.95 -22.19
CA THR E 70 -15.95 17.02 -22.06
C THR E 70 -14.61 17.69 -22.02
N LEU E 71 -13.65 16.92 -21.53
CA LEU E 71 -12.28 17.32 -21.34
C LEU E 71 -11.35 16.22 -21.80
N GLU E 72 -10.30 16.56 -22.54
CA GLU E 72 -9.33 15.53 -22.93
C GLU E 72 -7.96 15.98 -22.51
N LEU E 73 -7.27 15.13 -21.75
CA LEU E 73 -5.96 15.53 -21.22
C LEU E 73 -4.82 15.18 -22.14
N ASN E 74 -3.84 16.08 -22.21
CA ASN E 74 -2.68 15.86 -23.03
C ASN E 74 -1.52 15.26 -22.24
N MET E 75 -1.34 13.97 -22.32
CA MET E 75 -0.34 13.32 -21.50
C MET E 75 1.02 13.37 -22.16
N GLU E 76 1.07 13.98 -23.32
CA GLU E 76 2.27 14.05 -24.10
C GLU E 76 3.22 15.05 -23.50
N THR E 77 2.76 15.85 -22.53
CA THR E 77 3.64 16.85 -21.94
C THR E 77 4.26 16.36 -20.65
N LEU E 78 4.03 15.10 -20.31
CA LEU E 78 4.61 14.47 -19.12
C LEU E 78 5.98 13.74 -19.37
N ASN E 79 6.49 13.76 -20.62
CA ASN E 79 7.68 13.09 -21.19
C ASN E 79 8.97 13.31 -20.40
N MET E 80 9.17 14.49 -19.79
CA MET E 80 10.38 14.82 -19.02
C MET E 80 10.48 14.11 -17.69
N THR E 81 9.37 13.69 -17.11
CA THR E 81 9.44 13.08 -15.79
C THR E 81 8.99 11.64 -15.73
N MET E 82 8.22 11.18 -16.71
CA MET E 82 7.74 9.80 -16.65
C MET E 82 7.66 9.25 -18.06
N PRO E 83 7.87 7.95 -18.28
CA PRO E 83 7.78 7.29 -19.57
C PRO E 83 6.35 7.24 -20.05
N LEU E 84 6.16 7.29 -21.36
CA LEU E 84 4.84 7.20 -21.94
C LEU E 84 4.73 6.00 -22.87
N SER E 85 3.73 5.17 -22.65
CA SER E 85 3.50 3.99 -23.48
C SER E 85 2.45 4.28 -24.55
N CYS E 86 2.60 3.70 -25.76
CA CYS E 86 1.65 3.82 -26.87
C CYS E 86 1.72 2.61 -27.79
N THR E 87 0.79 2.54 -28.73
CA THR E 87 0.79 1.47 -29.71
C THR E 87 1.06 2.05 -31.07
N LYS E 88 1.12 1.17 -32.04
CA LYS E 88 1.33 1.56 -33.42
C LYS E 88 0.55 0.68 -34.39
N ASN E 89 0.79 -0.66 -34.38
CA ASN E 89 0.09 -1.59 -35.30
C ASN E 89 0.07 -3.04 -34.78
N ASN E 90 -0.10 -3.26 -33.45
CA ASN E 90 -0.13 -4.56 -32.74
C ASN E 90 1.25 -5.19 -32.67
N SER E 91 1.85 -5.37 -33.83
CA SER E 91 3.17 -5.97 -33.94
C SER E 91 4.22 -5.11 -33.30
N HIS E 92 3.91 -3.83 -33.13
CA HIS E 92 4.82 -2.89 -32.52
C HIS E 92 4.10 -2.00 -31.54
N HIS E 93 4.77 -1.82 -30.40
CA HIS E 93 4.40 -0.93 -29.31
C HIS E 93 5.62 -0.17 -28.82
N TYR E 94 5.42 1.00 -28.25
CA TYR E 94 6.57 1.79 -27.81
C TYR E 94 6.50 2.36 -26.41
N ILE E 95 7.66 2.49 -25.79
CA ILE E 95 7.79 3.19 -24.52
C ILE E 95 8.79 4.32 -24.69
N MET E 96 8.34 5.55 -24.63
CA MET E 96 9.26 6.65 -24.85
C MET E 96 9.64 7.40 -23.59
N VAL E 97 10.91 7.78 -23.52
CA VAL E 97 11.43 8.59 -22.42
C VAL E 97 11.99 9.92 -22.91
N GLY E 98 11.51 10.98 -22.29
CA GLY E 98 11.94 12.29 -22.66
C GLY E 98 11.51 12.41 -24.09
N ASN E 99 12.31 13.11 -24.88
CA ASN E 99 12.12 13.30 -26.32
C ASN E 99 13.30 12.73 -27.11
N GLU E 100 14.15 11.84 -26.48
CA GLU E 100 15.37 11.27 -27.09
C GLU E 100 15.37 9.80 -27.37
N THR E 101 14.75 8.97 -26.52
CA THR E 101 14.87 7.53 -26.77
C THR E 101 13.75 6.72 -26.19
N GLY E 102 13.90 5.43 -26.33
CA GLY E 102 12.90 4.54 -25.77
C GLY E 102 12.98 3.13 -26.28
N LEU E 103 12.04 2.32 -25.85
CA LEU E 103 12.02 0.93 -26.23
C LEU E 103 10.98 0.64 -27.27
N GLU E 104 11.33 -0.24 -28.16
CA GLU E 104 10.45 -0.79 -29.16
C GLU E 104 10.14 -2.21 -28.77
N LEU E 105 8.87 -2.47 -28.53
CA LEU E 105 8.40 -3.77 -28.09
C LEU E 105 7.76 -4.44 -29.26
N THR E 106 8.26 -5.59 -29.70
CA THR E 106 7.60 -6.14 -30.87
C THR E 106 7.23 -7.59 -30.70
N LEU E 107 6.21 -7.99 -31.45
CA LEU E 107 5.79 -9.37 -31.49
C LEU E 107 6.07 -9.86 -32.87
N THR E 108 7.15 -10.60 -33.02
CA THR E 108 7.55 -10.99 -34.37
C THR E 108 8.14 -12.39 -34.47
N ASN E 109 8.00 -13.05 -35.66
CA ASN E 109 8.62 -14.35 -35.94
C ASN E 109 10.01 -14.11 -36.56
N THR E 110 10.95 -13.57 -35.76
CA THR E 110 12.31 -13.18 -36.18
C THR E 110 13.51 -13.92 -35.63
N SER E 111 13.38 -14.57 -34.48
CA SER E 111 14.48 -15.33 -33.90
C SER E 111 15.82 -14.56 -33.90
N ILE E 112 15.84 -13.35 -33.35
CA ILE E 112 17.07 -12.54 -33.43
C ILE E 112 18.22 -12.96 -32.52
N ILE E 113 17.94 -13.46 -31.33
CA ILE E 113 19.02 -13.90 -30.45
C ILE E 113 19.06 -15.41 -30.49
N ASN E 114 20.24 -15.95 -30.79
CA ASN E 114 20.40 -17.38 -31.01
C ASN E 114 21.28 -18.10 -30.01
N HIS E 115 21.21 -17.67 -28.77
CA HIS E 115 21.88 -18.30 -27.65
C HIS E 115 20.91 -18.25 -26.49
N LYS E 116 21.10 -19.14 -25.50
CA LYS E 116 20.18 -19.23 -24.36
C LYS E 116 20.70 -18.74 -23.03
N PHE E 117 21.10 -17.50 -22.98
CA PHE E 117 21.55 -16.86 -21.76
C PHE E 117 21.47 -15.33 -21.90
N CYS E 118 21.46 -14.62 -20.74
CA CYS E 118 21.41 -13.16 -20.67
C CYS E 118 22.57 -12.65 -19.80
N ASN E 119 23.55 -11.98 -20.41
CA ASN E 119 24.76 -11.56 -19.71
C ASN E 119 24.56 -10.24 -18.95
N LEU E 120 23.73 -10.30 -17.88
CA LEU E 120 23.37 -9.13 -17.06
C LEU E 120 24.49 -8.66 -16.16
N SER E 121 25.20 -9.58 -15.54
CA SER E 121 26.25 -9.16 -14.63
C SER E 121 27.38 -8.54 -15.40
N ASP E 122 27.55 -9.00 -16.63
CA ASP E 122 28.60 -8.51 -17.46
C ASP E 122 28.24 -7.11 -17.90
N ALA E 123 26.96 -6.90 -18.25
CA ALA E 123 26.45 -5.60 -18.65
C ALA E 123 26.55 -4.62 -17.50
N HIS E 124 26.35 -5.10 -16.28
CA HIS E 124 26.41 -4.19 -15.16
C HIS E 124 27.85 -3.76 -14.93
N LYS E 125 28.82 -4.65 -15.14
CA LYS E 125 30.19 -4.20 -15.00
C LYS E 125 30.56 -3.26 -16.14
N LYS E 126 30.19 -3.62 -17.37
CA LYS E 126 30.46 -2.74 -18.49
C LYS E 126 29.29 -1.82 -18.65
N ASN E 127 29.19 -0.87 -17.75
CA ASN E 127 28.01 -0.08 -17.79
C ASN E 127 28.08 1.01 -18.80
N LEU E 128 27.57 0.68 -19.97
CA LEU E 128 27.50 1.56 -21.11
C LEU E 128 26.04 1.76 -21.47
N TYR E 129 25.15 1.61 -20.50
CA TYR E 129 23.74 1.70 -20.82
C TYR E 129 22.98 2.78 -20.09
N ASP E 130 21.86 3.18 -20.67
CA ASP E 130 20.98 4.13 -20.03
C ASP E 130 20.26 3.47 -18.89
N HIS E 131 20.47 3.97 -17.69
CA HIS E 131 19.88 3.35 -16.54
C HIS E 131 18.38 3.39 -16.65
N ALA E 132 17.82 4.44 -17.27
CA ALA E 132 16.37 4.49 -17.37
C ALA E 132 15.84 3.33 -18.17
N LEU E 133 16.56 2.88 -19.20
CA LEU E 133 15.98 1.84 -20.00
C LEU E 133 16.12 0.54 -19.28
N MET E 134 17.23 0.37 -18.56
CA MET E 134 17.40 -0.87 -17.85
C MET E 134 16.37 -1.01 -16.75
N SER E 135 16.04 0.12 -16.12
CA SER E 135 15.06 0.15 -15.06
C SER E 135 13.68 -0.24 -15.58
N ILE E 136 13.31 0.29 -16.74
CA ILE E 136 12.02 -0.03 -17.32
C ILE E 136 11.95 -1.51 -17.66
N ILE E 137 13.02 -2.05 -18.24
CA ILE E 137 13.06 -3.46 -18.59
C ILE E 137 12.99 -4.31 -17.36
N SER E 138 13.70 -3.94 -16.32
CA SER E 138 13.63 -4.71 -15.11
C SER E 138 12.23 -4.71 -14.58
N THR E 139 11.57 -3.55 -14.58
CA THR E 139 10.22 -3.48 -14.10
C THR E 139 9.37 -4.45 -14.90
N PHE E 140 9.55 -4.48 -16.21
CA PHE E 140 8.82 -5.44 -17.01
C PHE E 140 9.12 -6.88 -16.62
N HIS E 141 10.39 -7.23 -16.55
CA HIS E 141 10.79 -8.60 -16.29
C HIS E 141 10.34 -9.15 -14.97
N LEU E 142 10.49 -8.36 -13.95
CA LEU E 142 10.19 -8.78 -12.60
C LEU E 142 8.70 -8.85 -12.36
N SER E 143 7.91 -8.37 -13.32
CA SER E 143 6.48 -8.36 -13.20
C SER E 143 5.87 -9.55 -13.93
N ILE E 144 6.70 -10.40 -14.54
CA ILE E 144 6.16 -11.56 -15.23
C ILE E 144 5.85 -12.57 -14.13
N PRO E 145 4.61 -13.00 -13.95
CA PRO E 145 4.26 -13.90 -12.88
C PRO E 145 4.82 -15.26 -13.17
N ASN E 146 5.28 -15.93 -12.13
CA ASN E 146 5.72 -17.29 -12.24
C ASN E 146 6.70 -17.54 -13.37
N PHE E 147 7.68 -16.67 -13.53
CA PHE E 147 8.59 -16.90 -14.62
C PHE E 147 9.63 -17.91 -14.25
N ASN E 148 9.38 -19.15 -14.64
CA ASN E 148 10.27 -20.27 -14.35
C ASN E 148 11.21 -20.61 -15.49
N GLN E 149 10.82 -20.29 -16.72
CA GLN E 149 11.59 -20.73 -17.85
C GLN E 149 12.71 -19.77 -18.19
N TYR E 150 13.78 -19.84 -17.44
CA TYR E 150 14.87 -18.89 -17.59
C TYR E 150 15.62 -19.03 -18.89
N GLU E 151 15.63 -20.21 -19.47
CA GLU E 151 16.30 -20.44 -20.74
C GLU E 151 15.57 -19.72 -21.88
N ALA E 152 14.35 -19.23 -21.60
CA ALA E 152 13.57 -18.52 -22.60
C ALA E 152 14.00 -17.06 -22.68
N MET E 153 14.83 -16.60 -21.75
CA MET E 153 15.24 -15.21 -21.81
C MET E 153 16.67 -15.11 -22.24
N SER E 154 16.91 -14.49 -23.37
CA SER E 154 18.26 -14.38 -23.86
C SER E 154 18.58 -12.93 -24.10
N CYS E 155 19.87 -12.50 -23.90
CA CYS E 155 20.27 -11.11 -24.13
C CYS E 155 21.63 -11.00 -24.80
N ASP E 156 21.82 -9.90 -25.49
CA ASP E 156 23.11 -9.58 -26.07
C ASP E 156 23.37 -8.09 -25.98
N PHE E 157 23.80 -7.65 -24.80
CA PHE E 157 23.92 -6.23 -24.55
C PHE E 157 25.05 -5.64 -25.39
N ASN E 158 26.13 -6.40 -25.56
CA ASN E 158 27.24 -5.90 -26.36
C ASN E 158 27.63 -4.49 -25.94
N GLY E 159 27.78 -4.27 -24.65
CA GLY E 159 28.04 -2.92 -24.21
C GLY E 159 26.69 -2.24 -23.95
N GLY E 160 26.36 -1.24 -24.74
CA GLY E 160 25.22 -0.37 -24.46
C GLY E 160 23.86 -0.69 -25.08
N LYS E 161 23.67 -1.85 -25.71
CA LYS E 161 22.41 -2.15 -26.36
C LYS E 161 21.47 -2.78 -25.37
N ILE E 162 20.18 -2.76 -25.67
CA ILE E 162 19.28 -3.53 -24.85
C ILE E 162 19.21 -4.98 -25.26
N SER E 163 18.90 -5.27 -26.51
CA SER E 163 18.91 -6.65 -26.99
C SER E 163 18.22 -7.71 -26.13
N VAL E 164 16.94 -7.59 -25.80
CA VAL E 164 16.31 -8.62 -24.96
C VAL E 164 15.25 -9.44 -25.67
N GLN E 165 15.41 -10.75 -25.65
CA GLN E 165 14.45 -11.65 -26.29
C GLN E 165 13.77 -12.65 -25.38
N TYR E 166 12.45 -12.66 -25.43
CA TYR E 166 11.68 -13.65 -24.68
C TYR E 166 11.08 -14.68 -25.65
N ASN E 167 11.53 -15.95 -25.55
CA ASN E 167 11.14 -17.05 -26.43
C ASN E 167 9.85 -17.70 -25.93
N LEU E 168 8.74 -17.45 -26.66
CA LEU E 168 7.40 -17.94 -26.39
C LEU E 168 7.05 -18.81 -27.56
N SER E 169 8.04 -19.44 -28.17
CA SER E 169 7.79 -20.20 -29.37
C SER E 169 6.68 -21.21 -29.23
N HIS E 170 5.81 -21.23 -30.23
CA HIS E 170 4.63 -22.10 -30.30
C HIS E 170 3.67 -21.84 -29.14
N SER E 171 3.89 -20.72 -28.46
CA SER E 171 3.20 -20.20 -27.30
C SER E 171 3.24 -21.09 -26.05
N TYR E 172 4.37 -21.79 -25.86
CA TYR E 172 4.64 -22.58 -24.66
C TYR E 172 6.15 -22.72 -24.54
N ALA E 173 6.83 -22.39 -25.62
CA ALA E 173 8.29 -22.39 -25.73
C ALA E 173 8.91 -23.72 -25.36
N GLY E 174 8.28 -24.80 -25.79
CA GLY E 174 8.80 -26.14 -25.54
C GLY E 174 8.32 -26.72 -24.22
N ASP E 175 7.64 -25.92 -23.39
CA ASP E 175 7.18 -26.42 -22.12
C ASP E 175 5.84 -27.14 -22.29
N ALA E 176 5.86 -28.47 -22.27
CA ALA E 176 4.65 -29.26 -22.49
C ALA E 176 3.99 -29.00 -23.85
N ALA E 177 2.88 -28.27 -23.84
CA ALA E 177 2.08 -27.99 -25.03
C ALA E 177 1.36 -26.67 -24.83
N ASN E 178 0.67 -26.19 -25.86
CA ASN E 178 0.05 -24.87 -25.77
C ASN E 178 -1.25 -24.87 -24.96
N HIS E 179 -1.07 -25.03 -23.66
CA HIS E 179 -2.10 -25.08 -22.64
C HIS E 179 -2.22 -23.71 -22.00
N CYS E 180 -3.38 -23.41 -21.37
CA CYS E 180 -3.64 -22.17 -20.64
C CYS E 180 -2.84 -22.15 -19.33
N GLY E 181 -2.44 -20.96 -18.90
CA GLY E 181 -1.65 -20.78 -17.68
C GLY E 181 -0.15 -21.10 -17.83
N THR E 182 0.39 -21.02 -19.04
CA THR E 182 1.80 -21.33 -19.33
C THR E 182 2.70 -20.08 -19.44
N VAL E 183 3.94 -20.28 -19.88
CA VAL E 183 4.92 -19.20 -19.95
C VAL E 183 4.49 -18.08 -20.88
N ALA E 184 3.81 -18.42 -21.97
CA ALA E 184 3.33 -17.43 -22.89
C ALA E 184 2.32 -16.56 -22.23
N ASN E 185 1.52 -17.15 -21.37
CA ASN E 185 0.52 -16.38 -20.69
C ASN E 185 1.18 -15.44 -19.73
N GLY E 186 2.20 -15.92 -19.03
CA GLY E 186 2.86 -15.07 -18.07
C GLY E 186 3.48 -13.85 -18.73
N VAL E 187 4.24 -14.09 -19.78
CA VAL E 187 4.92 -12.98 -20.43
C VAL E 187 3.92 -12.06 -21.09
N LEU E 188 2.91 -12.62 -21.76
CA LEU E 188 1.94 -11.78 -22.41
C LEU E 188 1.14 -10.97 -21.41
N GLN E 189 0.80 -11.48 -20.24
CA GLN E 189 0.04 -10.59 -19.38
C GLN E 189 0.86 -9.34 -19.04
N THR E 190 2.16 -9.49 -18.79
CA THR E 190 2.92 -8.30 -18.48
C THR E 190 2.96 -7.37 -19.69
N PHE E 191 3.15 -7.95 -20.87
CA PHE E 191 3.18 -7.18 -22.12
C PHE E 191 1.90 -6.38 -22.29
N MET E 192 0.77 -7.04 -22.09
CA MET E 192 -0.52 -6.41 -22.29
C MET E 192 -0.69 -5.22 -21.36
N ARG E 193 -0.12 -5.31 -20.15
CA ARG E 193 -0.21 -4.20 -19.19
C ARG E 193 0.77 -3.09 -19.55
N MET E 194 1.98 -3.43 -19.96
CA MET E 194 2.96 -2.40 -20.30
C MET E 194 2.48 -1.56 -21.46
N ALA E 195 1.77 -2.21 -22.38
CA ALA E 195 1.20 -1.48 -23.54
C ALA E 195 -0.32 -1.41 -23.38
N TRP E 196 -0.81 -1.12 -22.17
CA TRP E 196 -2.27 -1.14 -21.91
C TRP E 196 -2.95 -0.12 -22.83
N GLY E 197 -2.35 1.05 -23.02
CA GLY E 197 -2.91 2.06 -23.93
C GLY E 197 -2.81 1.23 -25.21
N GLY E 198 -3.96 0.80 -25.75
CA GLY E 198 -3.96 0.05 -27.01
C GLY E 198 -3.68 -1.45 -27.24
N SER E 199 -3.06 -2.16 -26.29
CA SER E 199 -2.72 -3.59 -26.45
C SER E 199 -3.86 -4.54 -26.67
N TYR E 200 -5.08 -4.12 -26.38
CA TYR E 200 -6.25 -4.99 -26.55
C TYR E 200 -6.34 -5.54 -27.97
N ILE E 201 -5.74 -4.86 -28.94
CA ILE E 201 -5.85 -5.30 -30.37
C ILE E 201 -5.12 -6.63 -30.54
N ALA E 202 -4.20 -6.96 -29.62
CA ALA E 202 -3.43 -8.18 -29.66
C ALA E 202 -4.27 -9.44 -29.45
N LEU E 203 -5.38 -9.36 -28.70
CA LEU E 203 -6.10 -10.58 -28.38
C LEU E 203 -7.54 -10.59 -28.87
N ASP E 204 -7.95 -11.69 -29.48
CA ASP E 204 -9.33 -11.78 -29.95
C ASP E 204 -10.29 -12.37 -28.91
N SER E 205 -9.80 -13.30 -28.09
CA SER E 205 -10.63 -14.02 -27.13
C SER E 205 -10.23 -13.92 -25.65
N GLY E 206 -9.06 -13.33 -25.37
CA GLY E 206 -8.47 -13.32 -24.02
C GLY E 206 -9.32 -12.74 -22.89
N CYS E 207 -10.22 -11.78 -23.18
CA CYS E 207 -11.10 -11.13 -22.21
C CYS E 207 -11.99 -12.17 -21.51
N GLY E 208 -12.43 -13.21 -22.23
CA GLY E 208 -13.32 -14.18 -21.60
C GLY E 208 -12.62 -15.18 -20.67
N ASN E 209 -11.28 -15.25 -20.72
CA ASN E 209 -10.49 -16.15 -19.89
C ASN E 209 -9.05 -15.66 -19.85
N TRP E 210 -8.71 -14.97 -18.78
CA TRP E 210 -7.43 -14.31 -18.64
C TRP E 210 -6.23 -15.26 -18.68
N ASP E 211 -6.43 -16.53 -18.32
CA ASP E 211 -5.32 -17.49 -18.34
C ASP E 211 -5.00 -18.10 -19.73
N CYS E 212 -5.85 -17.81 -20.76
CA CYS E 212 -5.78 -18.37 -22.09
C CYS E 212 -5.34 -17.28 -23.06
N ILE E 213 -4.62 -16.31 -22.53
CA ILE E 213 -4.08 -15.31 -23.41
C ILE E 213 -2.98 -16.01 -24.11
N MET E 214 -3.08 -16.01 -25.42
CA MET E 214 -2.14 -16.61 -26.30
C MET E 214 -2.08 -15.75 -27.53
N THR E 215 -0.94 -15.70 -28.15
CA THR E 215 -0.77 -15.04 -29.42
C THR E 215 -0.08 -16.02 -30.32
N SER E 216 -0.06 -15.72 -31.59
CA SER E 216 0.63 -16.60 -32.51
C SER E 216 2.12 -16.30 -32.62
N TYR E 217 2.55 -15.11 -32.25
CA TYR E 217 3.96 -14.78 -32.42
C TYR E 217 4.89 -15.54 -31.51
N GLN E 218 6.00 -15.96 -32.09
CA GLN E 218 7.04 -16.69 -31.38
C GLN E 218 7.86 -15.89 -30.37
N TYR E 219 8.16 -14.64 -30.67
CA TYR E 219 9.02 -13.93 -29.75
C TYR E 219 8.57 -12.55 -29.37
N LEU E 220 8.82 -12.21 -28.12
CA LEU E 220 8.66 -10.85 -27.68
C LEU E 220 10.02 -10.22 -27.64
N ILE E 221 10.20 -9.20 -28.45
CA ILE E 221 11.48 -8.57 -28.56
C ILE E 221 11.52 -7.19 -28.02
N ILE E 222 12.47 -6.93 -27.14
CA ILE E 222 12.64 -5.61 -26.62
C ILE E 222 13.97 -5.04 -27.06
N GLN E 223 13.92 -3.96 -27.81
CA GLN E 223 15.12 -3.30 -28.29
C GLN E 223 15.02 -1.83 -28.04
N ASN E 224 16.16 -1.13 -27.89
CA ASN E 224 16.18 0.34 -27.76
C ASN E 224 16.22 0.96 -29.16
N THR E 225 15.53 2.09 -29.29
CA THR E 225 15.44 2.90 -30.48
C THR E 225 15.57 4.34 -30.13
N THR E 226 15.46 5.18 -31.13
CA THR E 226 15.54 6.60 -30.90
C THR E 226 14.14 7.16 -30.82
N TRP E 227 14.00 8.36 -30.29
CA TRP E 227 12.67 8.90 -30.29
C TRP E 227 12.34 9.32 -31.69
N GLU E 228 11.14 8.97 -32.10
CA GLU E 228 10.56 9.33 -33.37
C GLU E 228 9.11 9.47 -33.05
N ASP E 229 8.34 10.15 -33.86
CA ASP E 229 6.93 10.21 -33.51
C ASP E 229 6.28 8.90 -33.99
N HIS E 230 6.50 7.87 -33.18
CA HIS E 230 6.10 6.49 -33.45
C HIS E 230 4.62 6.17 -33.21
N CYS E 231 3.99 6.85 -32.24
CA CYS E 231 2.67 6.58 -31.72
C CYS E 231 1.52 6.92 -32.67
N GLN E 232 0.60 5.97 -32.78
CA GLN E 232 -0.62 6.18 -33.60
C GLN E 232 -1.66 5.21 -33.04
N PHE E 233 -2.94 5.40 -33.33
CA PHE E 233 -3.96 4.41 -32.91
C PHE E 233 -4.29 4.64 -31.43
N SER E 234 -3.66 5.63 -30.79
CA SER E 234 -3.86 5.86 -29.33
C SER E 234 -3.13 7.11 -28.84
N ARG E 235 -3.29 7.47 -27.56
CA ARG E 235 -2.64 8.63 -26.99
C ARG E 235 -1.59 8.10 -26.02
N PRO E 236 -0.34 8.55 -26.05
CA PRO E 236 0.68 8.10 -25.15
C PRO E 236 0.20 8.29 -23.74
N SER E 237 0.50 7.32 -22.89
CA SER E 237 0.08 7.36 -21.51
C SER E 237 1.02 6.62 -20.59
N PRO E 238 1.30 7.14 -19.40
CA PRO E 238 2.12 6.53 -18.41
C PRO E 238 1.38 5.46 -17.61
N ILE E 239 0.08 5.26 -17.85
CA ILE E 239 -0.66 4.38 -16.96
C ILE E 239 -0.18 2.95 -16.96
N GLY E 240 0.17 2.38 -18.11
CA GLY E 240 0.63 0.99 -18.11
C GLY E 240 1.82 0.84 -17.16
N TYR E 241 2.83 1.66 -17.36
CA TYR E 241 4.04 1.65 -16.56
C TYR E 241 3.75 1.87 -15.09
N LEU E 242 2.93 2.86 -14.78
CA LEU E 242 2.64 3.18 -13.40
C LEU E 242 1.95 2.01 -12.72
N GLY E 243 1.07 1.36 -13.45
CA GLY E 243 0.34 0.21 -12.96
C GLY E 243 1.29 -0.94 -12.64
N LEU E 244 2.37 -1.08 -13.41
CA LEU E 244 3.34 -2.12 -13.15
C LEU E 244 4.23 -1.76 -11.98
N LEU E 245 4.55 -0.47 -11.81
CA LEU E 245 5.39 -0.14 -10.68
C LEU E 245 4.72 -0.48 -9.38
N SER E 246 3.42 -0.19 -9.29
CA SER E 246 2.69 -0.51 -8.07
C SER E 246 2.17 -1.93 -8.14
N GLN E 247 3.08 -2.88 -8.26
CA GLN E 247 2.70 -4.27 -8.39
C GLN E 247 2.13 -4.82 -7.11
N ARG E 248 2.70 -4.41 -5.97
CA ARG E 248 2.29 -4.82 -4.62
C ARG E 248 2.51 -6.31 -4.30
N THR E 249 1.85 -7.18 -5.06
CA THR E 249 1.96 -8.62 -4.88
C THR E 249 2.74 -9.26 -6.01
N ARG E 250 3.76 -10.01 -5.64
CA ARG E 250 4.57 -10.66 -6.66
C ARG E 250 4.28 -12.15 -6.73
N ASP E 251 3.99 -12.63 -7.92
CA ASP E 251 3.68 -14.03 -8.14
C ASP E 251 4.95 -14.84 -8.29
N ILE E 252 5.60 -15.17 -7.17
CA ILE E 252 6.92 -15.84 -7.28
C ILE E 252 6.88 -17.25 -6.68
N TYR E 253 7.20 -18.28 -7.47
CA TYR E 253 7.30 -19.67 -6.95
C TYR E 253 8.57 -19.81 -6.12
N ILE E 254 8.61 -20.77 -5.20
CA ILE E 254 9.84 -21.01 -4.39
C ILE E 254 10.97 -21.50 -5.30
N SER E 255 12.08 -20.78 -5.37
CA SER E 255 13.22 -21.15 -6.22
C SER E 255 12.94 -22.21 -7.30
N GLY F 1 -2.12 27.71 -0.45
CA GLY F 1 -2.46 26.37 -0.82
C GLY F 1 -3.74 25.91 -0.11
N THR F 2 -4.87 25.79 -0.87
CA THR F 2 -6.19 25.34 -0.39
C THR F 2 -6.37 23.88 -0.79
N PHE F 3 -5.37 23.38 -1.48
CA PHE F 3 -5.34 22.03 -1.98
C PHE F 3 -4.30 21.18 -1.30
N THR F 4 -4.74 20.22 -0.53
CA THR F 4 -3.82 19.37 0.21
C THR F 4 -3.34 18.31 -0.74
N TRP F 5 -4.03 18.20 -1.88
CA TRP F 5 -3.62 17.26 -2.90
C TRP F 5 -2.34 17.73 -3.63
N THR F 6 -1.97 19.02 -3.54
CA THR F 6 -0.79 19.48 -4.28
C THR F 6 0.49 19.39 -3.48
N LEU F 7 1.62 19.48 -4.16
CA LEU F 7 2.88 19.50 -3.44
C LEU F 7 3.31 20.91 -3.11
N SER F 8 2.95 21.85 -3.97
CA SER F 8 3.34 23.24 -3.81
C SER F 8 2.69 23.88 -2.62
N ASP F 9 3.41 24.73 -1.91
CA ASP F 9 2.85 25.48 -0.80
C ASP F 9 2.38 26.87 -1.23
N SER F 10 2.50 27.15 -2.53
CA SER F 10 2.13 28.41 -3.14
C SER F 10 0.94 28.24 -4.07
N GLU F 11 0.31 27.09 -3.99
CA GLU F 11 -0.81 26.75 -4.85
C GLU F 11 -1.97 27.74 -4.76
N GLY F 12 -2.22 28.30 -3.58
CA GLY F 12 -3.33 29.20 -3.40
C GLY F 12 -3.05 30.63 -3.83
N LYS F 13 -1.83 30.92 -4.30
CA LYS F 13 -1.54 32.30 -4.70
C LYS F 13 -1.96 32.48 -6.16
N ASP F 14 -3.26 32.38 -6.38
CA ASP F 14 -3.92 32.40 -7.68
C ASP F 14 -5.37 32.81 -7.48
N THR F 15 -6.13 32.87 -8.56
CA THR F 15 -7.55 33.19 -8.47
C THR F 15 -8.10 32.40 -7.27
N PRO F 16 -8.54 33.05 -6.20
CA PRO F 16 -9.02 32.41 -4.98
C PRO F 16 -10.13 31.38 -5.18
N GLY F 17 -10.96 31.58 -6.19
CA GLY F 17 -12.06 30.67 -6.44
C GLY F 17 -11.84 29.64 -7.53
N GLY F 18 -10.66 29.56 -8.15
CA GLY F 18 -10.55 28.61 -9.26
C GLY F 18 -9.15 28.07 -9.47
N TYR F 19 -9.12 26.89 -10.04
CA TYR F 19 -7.89 26.26 -10.46
C TYR F 19 -7.93 26.07 -11.95
N CYS F 20 -6.89 26.55 -12.67
CA CYS F 20 -6.85 26.51 -14.12
C CYS F 20 -5.86 25.49 -14.65
N LEU F 21 -6.31 24.84 -15.69
CA LEU F 21 -5.55 23.89 -16.45
C LEU F 21 -5.06 24.62 -17.68
N THR F 22 -3.74 24.70 -17.80
CA THR F 22 -3.13 25.40 -18.92
C THR F 22 -3.41 24.76 -20.24
N ARG F 23 -3.35 25.57 -21.27
CA ARG F 23 -3.59 25.08 -22.62
C ARG F 23 -2.63 23.99 -22.98
N TRP F 24 -1.46 24.02 -22.38
CA TRP F 24 -0.45 23.07 -22.71
C TRP F 24 -0.75 21.67 -22.23
N MET F 25 -1.60 21.50 -21.23
CA MET F 25 -1.86 20.18 -20.73
C MET F 25 -3.15 19.61 -21.27
N LEU F 26 -3.80 20.33 -22.18
CA LEU F 26 -5.09 19.90 -22.68
C LEU F 26 -5.03 19.67 -24.16
N ILE F 27 -5.93 18.84 -24.67
CA ILE F 27 -5.95 18.65 -26.11
C ILE F 27 -7.01 19.54 -26.74
N GLU F 28 -6.54 20.54 -27.48
CA GLU F 28 -7.37 21.52 -28.17
C GLU F 28 -8.43 22.14 -27.27
N ALA F 29 -8.07 22.44 -26.04
CA ALA F 29 -9.04 23.02 -25.11
C ALA F 29 -8.88 24.51 -24.91
N GLU F 30 -7.69 25.02 -25.17
CA GLU F 30 -7.31 26.42 -24.96
C GLU F 30 -7.23 26.77 -23.46
N LEU F 31 -8.33 26.70 -22.74
CA LEU F 31 -8.29 26.98 -21.30
C LEU F 31 -9.44 26.38 -20.52
N LYS F 32 -9.14 25.67 -19.46
CA LYS F 32 -10.22 25.16 -18.63
C LYS F 32 -9.96 25.49 -17.17
N CYS F 33 -10.91 26.20 -16.52
CA CYS F 33 -10.82 26.58 -15.10
C CYS F 33 -12.02 26.01 -14.37
N PHE F 34 -11.70 25.32 -13.31
CA PHE F 34 -12.70 24.68 -12.48
C PHE F 34 -12.74 25.35 -11.14
N GLY F 35 -13.92 25.47 -10.56
CA GLY F 35 -13.99 26.15 -9.29
C GLY F 35 -13.24 25.37 -8.23
N ASN F 36 -12.63 26.11 -7.30
CA ASN F 36 -11.88 25.51 -6.22
C ASN F 36 -12.78 24.70 -5.32
N THR F 37 -14.06 25.05 -5.28
CA THR F 37 -14.99 24.30 -4.50
C THR F 37 -14.99 22.84 -4.95
N ALA F 38 -14.95 22.60 -6.27
CA ALA F 38 -14.97 21.24 -6.76
C ALA F 38 -13.58 20.64 -6.77
N VAL F 39 -12.59 21.43 -7.12
CA VAL F 39 -11.25 20.88 -7.26
C VAL F 39 -10.73 20.42 -5.92
N ALA F 40 -10.99 21.20 -4.89
CA ALA F 40 -10.57 20.92 -3.54
C ALA F 40 -11.19 19.65 -3.01
N LYS F 41 -12.23 19.14 -3.64
CA LYS F 41 -12.82 17.93 -3.11
C LYS F 41 -11.84 16.78 -2.97
N CYS F 42 -10.85 16.65 -3.91
CA CYS F 42 -9.90 15.54 -3.92
C CYS F 42 -8.74 15.78 -2.96
N ASN F 43 -8.93 16.75 -2.06
CA ASN F 43 -8.04 16.85 -0.94
C ASN F 43 -8.30 15.61 -0.10
N GLU F 44 -9.54 15.12 -0.14
CA GLU F 44 -9.92 13.93 0.57
C GLU F 44 -9.80 12.81 -0.45
N LYS F 45 -9.57 11.59 -0.02
CA LYS F 45 -9.49 10.54 -1.03
C LYS F 45 -10.86 10.00 -1.35
N HIS F 46 -11.31 10.20 -2.59
CA HIS F 46 -12.63 9.73 -3.00
C HIS F 46 -12.54 8.74 -4.12
N ASP F 47 -11.33 8.28 -4.40
CA ASP F 47 -11.10 7.37 -5.51
C ASP F 47 -11.69 8.01 -6.78
N GLU F 48 -11.43 9.30 -6.94
CA GLU F 48 -11.91 10.15 -8.01
C GLU F 48 -11.38 9.98 -9.44
N GLU F 49 -10.20 9.36 -9.64
CA GLU F 49 -9.58 9.17 -10.97
C GLU F 49 -9.06 10.46 -11.61
N PHE F 50 -9.90 11.45 -11.76
CA PHE F 50 -9.45 12.68 -12.39
C PHE F 50 -8.25 13.34 -11.69
N CYS F 51 -8.28 13.47 -10.35
CA CYS F 51 -7.22 14.14 -9.60
C CYS F 51 -5.93 13.31 -9.53
N ASP F 52 -5.94 12.09 -10.08
CA ASP F 52 -4.69 11.37 -10.06
C ASP F 52 -3.89 11.98 -11.17
N MET F 53 -4.57 12.45 -12.21
CA MET F 53 -3.83 13.05 -13.27
C MET F 53 -3.44 14.43 -12.82
N LEU F 54 -4.30 15.08 -12.03
CA LEU F 54 -3.90 16.40 -11.61
C LEU F 54 -2.68 16.32 -10.73
N ARG F 55 -2.60 15.30 -9.89
CA ARG F 55 -1.43 15.17 -9.06
C ARG F 55 -0.20 14.92 -9.91
N LEU F 56 -0.30 14.11 -10.97
CA LEU F 56 0.85 13.94 -11.83
C LEU F 56 1.22 15.20 -12.57
N PHE F 57 0.25 15.99 -13.00
CA PHE F 57 0.58 17.22 -13.68
C PHE F 57 1.23 18.20 -12.70
N ASP F 58 0.75 18.24 -11.45
CA ASP F 58 1.32 19.13 -10.45
C ASP F 58 2.75 18.70 -10.16
N PHE F 59 2.96 17.40 -10.00
CA PHE F 59 4.30 16.90 -9.77
C PHE F 59 5.19 17.23 -10.91
N ASN F 60 4.72 16.96 -12.11
CA ASN F 60 5.52 17.17 -13.28
C ASN F 60 5.98 18.59 -13.32
N LYS F 61 5.07 19.53 -13.09
CA LYS F 61 5.49 20.91 -13.12
C LYS F 61 6.51 21.23 -12.02
N GLN F 62 6.27 20.79 -10.79
CA GLN F 62 7.18 21.13 -9.70
C GLN F 62 8.56 20.56 -9.92
N ALA F 63 8.62 19.38 -10.50
CA ALA F 63 9.85 18.66 -10.78
C ALA F 63 10.67 19.32 -11.88
N ILE F 64 10.05 20.21 -12.64
CA ILE F 64 10.70 20.89 -13.74
C ILE F 64 11.10 22.28 -13.32
N GLN F 65 10.20 23.00 -12.64
CA GLN F 65 10.48 24.37 -12.26
C GLN F 65 11.37 24.55 -11.04
N ARG F 66 11.34 23.62 -10.08
CA ARG F 66 12.13 23.85 -8.87
C ARG F 66 13.51 23.20 -8.92
N LEU F 67 13.67 22.17 -9.72
CA LEU F 67 14.92 21.44 -9.82
C LEU F 67 15.61 21.72 -11.12
N LYS F 68 16.93 21.62 -11.12
CA LYS F 68 17.56 21.74 -12.41
C LYS F 68 17.10 20.52 -13.16
N ALA F 69 16.60 20.66 -14.37
CA ALA F 69 16.18 19.45 -15.01
C ALA F 69 17.42 18.58 -15.15
N PRO F 70 17.41 17.31 -14.68
CA PRO F 70 18.53 16.41 -14.76
C PRO F 70 18.76 15.95 -16.19
N ALA F 71 17.70 16.09 -16.99
CA ALA F 71 17.63 15.69 -18.39
C ALA F 71 17.86 14.18 -18.60
N GLN F 72 17.77 13.41 -17.52
CA GLN F 72 18.00 11.98 -17.59
C GLN F 72 16.87 11.17 -16.97
N MET F 73 15.64 11.69 -17.02
CA MET F 73 14.40 11.06 -16.51
C MET F 73 14.27 10.95 -15.01
N SER F 74 15.31 10.46 -14.35
CA SER F 74 15.28 10.25 -12.92
C SER F 74 14.10 9.35 -12.59
N ILE F 75 14.12 8.17 -13.16
CA ILE F 75 13.05 7.20 -12.97
C ILE F 75 12.94 6.91 -11.48
N GLN F 76 14.06 6.85 -10.81
CA GLN F 76 14.12 6.62 -9.38
C GLN F 76 13.37 7.71 -8.58
N LEU F 77 13.13 8.89 -9.18
CA LEU F 77 12.38 9.94 -8.53
C LEU F 77 10.90 9.75 -8.84
N ILE F 78 10.58 9.41 -10.09
CA ILE F 78 9.16 9.26 -10.40
C ILE F 78 8.64 8.11 -9.58
N ASN F 79 9.46 7.12 -9.31
CA ASN F 79 8.97 6.00 -8.54
C ASN F 79 8.47 6.44 -7.16
N LYS F 80 9.06 7.47 -6.56
CA LYS F 80 8.60 7.87 -5.27
C LYS F 80 7.34 8.70 -5.43
N ALA F 81 7.28 9.48 -6.52
CA ALA F 81 6.10 10.30 -6.80
C ALA F 81 4.90 9.43 -6.98
N VAL F 82 5.09 8.29 -7.60
CA VAL F 82 4.01 7.37 -7.86
C VAL F 82 3.48 6.81 -6.59
N ASN F 83 4.36 6.38 -5.74
CA ASN F 83 3.89 5.81 -4.51
C ASN F 83 3.21 6.84 -3.61
N ALA F 84 3.66 8.09 -3.68
CA ALA F 84 3.06 9.14 -2.87
C ALA F 84 1.75 9.71 -3.44
N LEU F 85 1.67 9.83 -4.77
CA LEU F 85 0.54 10.48 -5.42
C LEU F 85 -0.55 9.59 -6.03
N ILE F 86 -0.23 8.39 -6.46
CA ILE F 86 -1.20 7.58 -7.17
C ILE F 86 -2.07 6.62 -6.40
N ASN F 87 -3.35 6.65 -6.75
CA ASN F 87 -4.30 5.74 -6.18
C ASN F 87 -4.18 4.43 -6.93
N ASP F 88 -3.64 3.44 -6.24
CA ASP F 88 -3.30 2.18 -6.87
C ASP F 88 -4.52 1.34 -7.01
N GLN F 89 -5.46 1.50 -6.10
CA GLN F 89 -6.64 0.68 -6.20
C GLN F 89 -7.40 1.09 -7.42
N LEU F 90 -7.42 2.36 -7.77
CA LEU F 90 -8.11 2.69 -8.98
C LEU F 90 -7.47 2.13 -10.21
N ILE F 91 -6.13 2.15 -10.29
CA ILE F 91 -5.56 1.59 -11.49
C ILE F 91 -5.87 0.11 -11.55
N MET F 92 -5.71 -0.58 -10.42
CA MET F 92 -5.99 -1.99 -10.43
C MET F 92 -7.43 -2.29 -10.73
N LYS F 93 -8.37 -1.49 -10.24
CA LYS F 93 -9.77 -1.74 -10.54
C LYS F 93 -10.04 -1.53 -12.00
N ASN F 94 -9.44 -0.52 -12.62
CA ASN F 94 -9.71 -0.34 -14.03
C ASN F 94 -9.10 -1.48 -14.82
N HIS F 95 -7.96 -2.00 -14.36
CA HIS F 95 -7.36 -3.14 -14.98
C HIS F 95 -8.30 -4.34 -14.85
N LEU F 96 -8.83 -4.58 -13.65
CA LEU F 96 -9.70 -5.70 -13.46
C LEU F 96 -10.94 -5.55 -14.30
N ARG F 97 -11.50 -4.35 -14.38
CA ARG F 97 -12.70 -4.21 -15.18
C ARG F 97 -12.39 -4.51 -16.62
N ASP F 98 -11.23 -4.08 -17.09
CA ASP F 98 -10.87 -4.32 -18.47
C ASP F 98 -10.81 -5.82 -18.71
N ILE F 99 -10.05 -6.54 -17.88
CA ILE F 99 -9.88 -7.96 -18.13
C ILE F 99 -11.14 -8.75 -17.84
N MET F 100 -12.02 -8.23 -16.99
CA MET F 100 -13.30 -8.88 -16.70
C MET F 100 -14.46 -8.50 -17.66
N CYS F 101 -14.17 -7.73 -18.76
CA CYS F 101 -15.07 -7.25 -19.82
C CYS F 101 -16.14 -6.30 -19.27
N ILE F 102 -15.76 -5.45 -18.32
CA ILE F 102 -16.58 -4.45 -17.67
C ILE F 102 -16.05 -3.09 -18.13
N PRO F 103 -16.87 -2.12 -18.52
CA PRO F 103 -16.43 -0.81 -18.94
C PRO F 103 -15.51 -0.21 -17.89
N TYR F 104 -14.47 0.49 -18.35
CA TYR F 104 -13.44 1.02 -17.45
C TYR F 104 -12.87 2.35 -17.88
N CYS F 105 -12.14 3.04 -16.96
CA CYS F 105 -11.51 4.33 -17.21
C CYS F 105 -10.33 4.22 -18.18
N ASN F 106 -10.40 5.06 -19.18
CA ASN F 106 -9.42 5.21 -20.25
C ASN F 106 -8.22 6.08 -19.84
N TYR F 107 -8.40 6.98 -18.82
CA TYR F 107 -7.46 8.02 -18.34
C TYR F 107 -7.07 9.01 -19.41
N SER F 108 -8.05 9.42 -20.19
CA SER F 108 -7.86 10.38 -21.25
C SER F 108 -9.02 11.35 -21.32
N LYS F 109 -10.22 10.81 -21.57
CA LYS F 109 -11.41 11.61 -21.71
C LYS F 109 -12.19 11.64 -20.41
N TYR F 110 -12.60 12.82 -20.04
CA TYR F 110 -13.35 13.10 -18.85
C TYR F 110 -14.59 13.92 -19.18
N TRP F 111 -15.61 13.86 -18.33
CA TRP F 111 -16.78 14.69 -18.52
C TRP F 111 -17.17 15.36 -17.25
N TYR F 112 -17.84 16.48 -17.40
CA TYR F 112 -18.30 17.25 -16.29
C TYR F 112 -19.55 18.00 -16.64
N LEU F 113 -20.25 18.44 -15.63
CA LEU F 113 -21.40 19.28 -15.91
C LEU F 113 -21.04 20.72 -15.69
N ASN F 114 -21.54 21.59 -16.59
CA ASN F 114 -21.32 23.03 -16.63
C ASN F 114 -22.65 23.77 -16.60
N HIS F 115 -22.92 24.53 -15.50
CA HIS F 115 -24.18 25.25 -15.33
C HIS F 115 -24.25 26.36 -16.35
N THR F 116 -25.38 26.43 -17.03
CA THR F 116 -25.46 27.33 -18.15
C THR F 116 -25.54 28.80 -17.83
N THR F 117 -25.88 29.18 -16.61
CA THR F 117 -25.90 30.62 -16.38
C THR F 117 -24.89 31.01 -15.34
N THR F 118 -24.43 30.08 -14.51
CA THR F 118 -23.49 30.50 -13.48
C THR F 118 -22.05 30.20 -13.83
N GLY F 119 -21.82 29.27 -14.74
CA GLY F 119 -20.45 28.91 -15.09
C GLY F 119 -19.85 27.95 -14.09
N ARG F 120 -20.63 27.50 -13.12
CA ARG F 120 -20.11 26.60 -12.13
C ARG F 120 -20.04 25.19 -12.69
N THR F 121 -18.94 24.49 -12.42
CA THR F 121 -18.77 23.14 -12.91
C THR F 121 -18.50 22.12 -11.83
N SER F 122 -18.78 20.86 -12.17
CA SER F 122 -18.48 19.72 -11.31
C SER F 122 -17.05 19.30 -11.47
N LEU F 123 -16.58 18.47 -10.56
CA LEU F 123 -15.28 17.90 -10.78
C LEU F 123 -15.56 16.93 -11.94
N PRO F 124 -14.66 16.75 -12.92
CA PRO F 124 -14.76 15.77 -13.98
C PRO F 124 -14.72 14.35 -13.51
N LYS F 125 -15.38 13.48 -14.27
CA LYS F 125 -15.43 12.05 -14.06
C LYS F 125 -14.87 11.39 -15.32
N CYS F 126 -14.23 10.22 -15.20
CA CYS F 126 -13.62 9.53 -16.35
C CYS F 126 -14.68 8.92 -17.28
N TRP F 127 -14.52 9.16 -18.58
CA TRP F 127 -15.40 8.59 -19.58
C TRP F 127 -14.94 7.16 -19.78
N LEU F 128 -15.86 6.24 -19.75
CA LEU F 128 -15.55 4.83 -19.86
C LEU F 128 -15.48 4.30 -21.27
N VAL F 129 -14.68 3.26 -21.41
CA VAL F 129 -14.53 2.54 -22.66
C VAL F 129 -14.78 1.07 -22.52
N SER F 130 -15.05 0.42 -23.66
CA SER F 130 -15.32 -1.04 -23.65
C SER F 130 -15.10 -1.61 -25.05
N ASN F 131 -14.13 -2.51 -25.19
CA ASN F 131 -13.87 -3.17 -26.51
C ASN F 131 -13.39 -2.13 -27.52
N GLY F 132 -12.28 -1.43 -27.22
CA GLY F 132 -11.71 -0.52 -28.21
C GLY F 132 -12.42 0.82 -28.41
N SER F 133 -13.60 1.02 -27.86
CA SER F 133 -14.20 2.34 -28.08
C SER F 133 -14.88 2.94 -26.88
N TYR F 134 -15.41 4.14 -27.06
CA TYR F 134 -16.08 4.82 -25.97
C TYR F 134 -17.49 4.39 -25.80
N LEU F 135 -17.92 4.37 -24.56
CA LEU F 135 -19.32 4.08 -24.33
C LEU F 135 -20.15 5.24 -24.82
N ASN F 136 -21.34 4.94 -25.34
CA ASN F 136 -22.33 5.91 -25.79
C ASN F 136 -22.92 6.66 -24.58
N GLU F 137 -23.40 7.90 -24.85
CA GLU F 137 -23.91 8.86 -23.86
C GLU F 137 -25.10 8.35 -23.07
N THR F 138 -25.89 7.51 -23.69
CA THR F 138 -27.05 6.97 -23.04
C THR F 138 -26.67 6.13 -21.83
N HIS F 139 -25.49 5.53 -21.83
CA HIS F 139 -25.13 4.64 -20.77
C HIS F 139 -24.62 5.39 -19.58
N PHE F 140 -24.47 6.68 -19.72
CA PHE F 140 -24.01 7.51 -18.65
C PHE F 140 -25.17 8.33 -18.14
N SER F 141 -26.37 8.08 -18.64
CA SER F 141 -27.47 8.92 -18.24
C SER F 141 -27.68 8.91 -16.75
N ASP F 142 -27.55 7.75 -16.14
CA ASP F 142 -27.77 7.66 -14.70
C ASP F 142 -26.69 8.40 -13.94
N ASP F 143 -25.47 8.37 -14.45
CA ASP F 143 -24.36 9.00 -13.76
C ASP F 143 -24.45 10.49 -13.90
N ILE F 144 -24.89 10.92 -15.06
CA ILE F 144 -24.96 12.33 -15.34
C ILE F 144 -26.09 12.92 -14.55
N GLU F 145 -27.24 12.24 -14.54
CA GLU F 145 -28.35 12.75 -13.79
C GLU F 145 -27.99 12.83 -12.32
N GLN F 146 -27.28 11.82 -11.79
CA GLN F 146 -26.93 11.93 -10.39
C GLN F 146 -25.98 13.07 -10.16
N GLN F 147 -25.04 13.30 -11.06
CA GLN F 147 -24.11 14.38 -10.84
C GLN F 147 -24.84 15.70 -10.90
N ALA F 148 -25.83 15.81 -11.78
CA ALA F 148 -26.61 17.02 -11.88
C ALA F 148 -27.40 17.25 -10.61
N ASP F 149 -27.88 16.17 -9.98
CA ASP F 149 -28.65 16.34 -8.74
C ASP F 149 -27.73 16.69 -7.63
N ASN F 150 -26.51 16.20 -7.68
CA ASN F 150 -25.60 16.52 -6.62
C ASN F 150 -25.28 18.00 -6.71
N MET F 151 -25.09 18.53 -7.92
CA MET F 151 -24.79 19.95 -8.04
C MET F 151 -25.97 20.80 -7.63
N ILE F 152 -27.17 20.37 -7.97
CA ILE F 152 -28.34 21.14 -7.61
C ILE F 152 -28.46 21.17 -6.12
N THR F 153 -28.26 20.02 -5.50
CA THR F 153 -28.37 19.94 -4.07
C THR F 153 -27.38 20.87 -3.43
N GLU F 154 -26.14 20.89 -3.90
CA GLU F 154 -25.14 21.74 -3.31
C GLU F 154 -25.50 23.21 -3.46
N MET F 155 -26.02 23.61 -4.61
CA MET F 155 -26.39 25.00 -4.79
C MET F 155 -27.47 25.38 -3.83
N LEU F 156 -28.46 24.51 -3.68
CA LEU F 156 -29.55 24.83 -2.78
C LEU F 156 -29.13 24.84 -1.33
N GLN F 157 -28.26 23.92 -0.93
CA GLN F 157 -27.83 23.89 0.45
C GLN F 157 -26.96 25.06 0.76
N LYS F 158 -26.15 25.49 -0.20
CA LYS F 158 -25.33 26.65 0.01
C LYS F 158 -26.21 27.85 0.22
N GLU F 159 -27.23 28.02 -0.63
CA GLU F 159 -28.10 29.17 -0.52
C GLU F 159 -28.87 29.15 0.79
N TYR F 160 -29.30 27.95 1.18
CA TYR F 160 -30.02 27.78 2.41
C TYR F 160 -29.20 28.25 3.57
N MET F 161 -27.96 27.77 3.66
CA MET F 161 -27.15 28.20 4.77
C MET F 161 -26.70 29.64 4.68
N GLU F 162 -26.55 30.21 3.50
CA GLU F 162 -26.19 31.60 3.50
C GLU F 162 -27.30 32.40 4.17
N ARG F 163 -28.55 32.04 3.90
CA ARG F 163 -29.67 32.72 4.52
C ARG F 163 -29.80 32.40 6.01
N GLN F 164 -29.55 31.15 6.38
CA GLN F 164 -29.71 30.67 7.76
C GLN F 164 -28.54 30.85 8.76
N GLY F 165 -27.28 30.87 8.27
CA GLY F 165 -26.07 30.97 9.05
C GLY F 165 -24.88 30.58 8.20
#